data_4UVB
#
_entry.id   4UVB
#
_cell.length_a   119.160
_cell.length_b   180.040
_cell.length_c   234.580
_cell.angle_alpha   90.00
_cell.angle_beta   90.00
_cell.angle_gamma   90.00
#
_symmetry.space_group_name_H-M   'I 2 2 2'
#
loop_
_entity.id
_entity.type
_entity.pdbx_description
1 polymer 'LYSINE-SPECIFIC HISTONE DEMETHYLASE 1A'
2 polymer 'REST COREPRESSOR 1'
3 non-polymer '[(2R,3S,4R,5R)-5-(6-amino-9H-purin-9-yl)-3,4-dihydroxytetrahydrofuran-2-yl]methyl (2R,3S,4S)-5-[(1R,3S,3aS,7aS)-1-amino-1,10,11-trimethyl-4,6-dioxo-3-phenyl-2,3,5,6,7,7a-hexahydro-1H-benzo[g]pyrrolo[2,1-e]pteridin-8(4H)-yl]-2,3,4-trihydroxypentyl dihydrogen diphosphate'
#
loop_
_entity_poly.entity_id
_entity_poly.type
_entity_poly.pdbx_seq_one_letter_code
_entity_poly.pdbx_strand_id
1 'polypeptide(L)'
;MLSGKKAAAAAAAAAAAATGTEAGPGTAGGSENGSEVAAQPAGLSGPAEVGPGAVGERTPRKKEPPRASPPGGLAEPPGS
AGPQAGPTVVPGSATPMETGIAETPEGRRTSRRKRAKVEYREMDESLANLSEDEYYSEEERNAKAEKEKKLPPPPPQAPP
EEENESEPEEPSGQAGGLQDDSSGGYGDGQPSGVEGAAFQSRLPHDRMTSQEAACFPDIISGPQQTQKVFLFIRNRTLQL
WLDNPKIQLTFEATLQQLEAPYNSDTVLVHRVHSYLERHGLINFGIYKRIKPLPTKKTGKVIIIGSGVSGLAAARQLQSF
GMDVTLLEARDRVGGRVATFRKGNYVADLGAMVVTGLGGNPMAVVSKQVNMELAKIKQKCPLYEANGQAVPKEKDEMVEQ
EFNRLLEATSYLSHQLDFNVLNNKPVSLGQALEVVIQLQEKHVKDEQIEHWKKIVKTQEELKELLNKMVNLKEKIKELHQ
QYKEASEVKPPRDITAEFLVKSKHRDLTALCKEYDELAETQGKLEEKLQELEANPPSDVYLSSRDRQILDWHFANLEFAN
ATPLSTLSLKHWDQDDDFEFTGSHLTVRNGYSCVPVALAEGLDIKLNTAVRQVRYTASGCEVIAVNTRSTSQTFIYKCDA
VLCTLPLGVLKQQPPAVQFVPPLPEWKTSAVQRMGFGNLNKVVLCFDRVFWDPSVNLFGHVGSTTASRGELFLFWNLYKA
PILLALVAGEAAGIMENISDDVIVGRCLAILKGIFGSSAVPQPKETVVSRWRADPWARGSYSYVAAGSSGNDYDLMAQPI
TPGPSIPGAPQPIPRLFFAGEHTIRNYPATVHGALLSGLREAGRIADQFLGAMYTLPRQATPGVPAQQSPSM
;
A
2 'polypeptide(L)'
;MVEKGPEVSGKRRGRNNAAASASAAAASAAASAACASPAATAASGAAASSASAAAASAAAAPNNGQNKSLAAAAPNGNSS
SNSWEEGSSGSSSDEEHGGGGMRVGPQYQAVVPDFDPAKLARRSQERDNLGMLVWSPNQNLSEAKLDEYIAIAKEKHGYN
MEQALGMLFWHKHNIEKSLADLPNFTPFPDEWTVEDKVLFEQAFSFHGKTFHRIQQMLPDKSIASLVKFYYSWKKTRTKT
SVMDRHARKQKREREESEDELEEANGNNPIDIEVDQNKESKKEVPPTETVPQVKKEKHSTQAKNRAKRKPPKGMFLSQED
VEAVSANATAATTVLRQLDMELVSVKRQIQNIKQTNSALKEKLDGGIEPYRLPEVIQKCNARWTTEEQLLAVQAIRKYGR
DFQAISDVIGNKSVVQVKNFFVNYRRRFNIDEVLQEWEAEHGKEETNGPSNQKPVKSPDNSIKMPEEEDEAPVLDVRYAS
AS
;
B
#
loop_
_chem_comp.id
_chem_comp.type
_chem_comp.name
_chem_comp.formula
D51 non-polymer '[(2R,3S,4R,5R)-5-(6-amino-9H-purin-9-yl)-3,4-dihydroxytetrahydrofuran-2-yl]methyl (2R,3S,4S)-5-[(1R,3S,3aS,7aS)-1-amino-1,10,11-trimethyl-4,6-dioxo-3-phenyl-2,3,5,6,7,7a-hexahydro-1H-benzo[g]pyrrolo[2,1-e]pteridin-8(4H)-yl]-2,3,4-trihydroxypentyl dihydrogen diphosphate' 'C37 H48 N10 O15 P2'
#
# COMPACT_ATOMS: atom_id res chain seq x y z
N PRO A 191 -9.12 -11.91 -24.22
CA PRO A 191 -10.03 -12.98 -24.64
C PRO A 191 -10.90 -12.58 -25.84
N SER A 192 -11.22 -13.56 -26.69
CA SER A 192 -12.06 -13.34 -27.87
C SER A 192 -12.92 -14.55 -28.23
N GLY A 193 -13.98 -14.30 -29.01
CA GLY A 193 -14.94 -15.34 -29.40
C GLY A 193 -16.09 -15.44 -28.42
N VAL A 194 -16.57 -16.67 -28.20
CA VAL A 194 -17.63 -16.91 -27.22
C VAL A 194 -17.10 -16.78 -25.79
N GLU A 195 -15.83 -17.13 -25.60
CA GLU A 195 -15.20 -17.06 -24.28
C GLU A 195 -14.97 -15.62 -23.82
N GLY A 196 -14.76 -14.73 -24.79
CA GLY A 196 -14.57 -13.30 -24.52
C GLY A 196 -15.87 -12.63 -24.13
N ALA A 197 -16.98 -13.14 -24.66
CA ALA A 197 -18.31 -12.67 -24.32
C ALA A 197 -18.66 -12.93 -22.86
N ALA A 198 -18.22 -14.07 -22.34
CA ALA A 198 -18.38 -14.42 -20.94
C ALA A 198 -17.56 -13.49 -20.06
N PHE A 199 -16.35 -13.18 -20.52
CA PHE A 199 -15.46 -12.25 -19.82
C PHE A 199 -16.07 -10.86 -19.75
N GLN A 200 -16.56 -10.38 -20.90
CA GLN A 200 -17.19 -9.07 -21.01
C GLN A 200 -18.47 -8.96 -20.18
N SER A 201 -19.00 -10.12 -19.78
CA SER A 201 -20.19 -10.19 -18.92
C SER A 201 -19.87 -10.60 -17.48
N ARG A 202 -18.58 -10.56 -17.13
CA ARG A 202 -18.08 -10.90 -15.79
C ARG A 202 -18.46 -12.32 -15.36
N LEU A 203 -18.49 -13.23 -16.33
CA LEU A 203 -18.84 -14.64 -16.09
C LEU A 203 -17.69 -15.57 -16.49
N PRO A 204 -17.44 -16.63 -15.69
CA PRO A 204 -16.46 -17.64 -16.09
C PRO A 204 -16.98 -18.45 -17.27
N HIS A 205 -16.20 -18.48 -18.36
CA HIS A 205 -16.63 -19.09 -19.62
C HIS A 205 -16.85 -20.57 -19.57
N ASP A 206 -16.17 -21.25 -18.64
CA ASP A 206 -16.14 -22.70 -18.59
C ASP A 206 -16.78 -23.29 -17.34
N ARG A 207 -17.53 -22.47 -16.62
CA ARG A 207 -18.13 -22.87 -15.35
C ARG A 207 -19.48 -22.19 -15.13
N MET A 208 -20.39 -22.89 -14.46
CA MET A 208 -21.70 -22.34 -14.13
C MET A 208 -21.66 -21.58 -12.81
N THR A 209 -22.24 -20.38 -12.81
CA THR A 209 -22.28 -19.54 -11.61
C THR A 209 -23.33 -20.03 -10.62
N SER A 210 -23.29 -19.51 -9.41
CA SER A 210 -24.26 -19.82 -8.36
C SER A 210 -25.69 -19.47 -8.78
N GLN A 211 -25.84 -18.31 -9.42
CA GLN A 211 -27.12 -17.85 -9.94
C GLN A 211 -27.68 -18.82 -10.98
N GLU A 212 -26.83 -19.26 -11.90
CA GLU A 212 -27.21 -20.22 -12.93
C GLU A 212 -27.60 -21.57 -12.33
N ALA A 213 -26.88 -21.97 -11.30
CA ALA A 213 -27.18 -23.21 -10.56
C ALA A 213 -28.59 -23.17 -9.97
N ALA A 214 -29.00 -21.99 -9.51
CA ALA A 214 -30.33 -21.82 -8.93
C ALA A 214 -31.45 -21.92 -9.97
N CYS A 215 -31.24 -21.30 -11.13
CA CYS A 215 -32.23 -21.29 -12.20
C CYS A 215 -32.24 -22.57 -13.04
N PHE A 216 -31.10 -23.27 -13.08
CA PHE A 216 -30.96 -24.49 -13.87
C PHE A 216 -30.40 -25.62 -13.00
N PRO A 217 -31.10 -25.97 -11.91
CA PRO A 217 -30.54 -27.01 -11.03
C PRO A 217 -30.51 -28.39 -11.68
N ASP A 218 -31.33 -28.57 -12.71
CA ASP A 218 -31.35 -29.80 -13.49
C ASP A 218 -30.06 -29.99 -14.28
N ILE A 219 -29.55 -28.90 -14.85
CA ILE A 219 -28.36 -28.94 -15.69
C ILE A 219 -27.06 -29.08 -14.90
N ILE A 220 -26.85 -28.20 -13.92
CA ILE A 220 -25.62 -28.23 -13.12
C ILE A 220 -25.43 -29.55 -12.36
N SER A 221 -26.52 -30.12 -11.86
CA SER A 221 -26.45 -31.41 -11.16
C SER A 221 -26.42 -32.58 -12.15
N GLY A 222 -26.65 -32.29 -13.43
CA GLY A 222 -26.68 -33.31 -14.47
C GLY A 222 -25.30 -33.67 -15.03
N PRO A 223 -25.28 -34.40 -16.16
CA PRO A 223 -24.04 -34.79 -16.83
C PRO A 223 -23.26 -33.62 -17.43
N GLN A 224 -21.93 -33.74 -17.40
CA GLN A 224 -20.99 -32.70 -17.85
C GLN A 224 -21.22 -32.21 -19.27
N GLN A 225 -21.66 -33.11 -20.14
CA GLN A 225 -21.89 -32.78 -21.55
C GLN A 225 -23.00 -31.75 -21.71
N THR A 226 -24.06 -31.88 -20.91
CA THR A 226 -25.18 -30.94 -20.94
C THR A 226 -24.73 -29.56 -20.46
N GLN A 227 -23.91 -29.54 -19.41
CA GLN A 227 -23.36 -28.31 -18.86
C GLN A 227 -22.60 -27.51 -19.92
N LYS A 228 -21.79 -28.21 -20.71
CA LYS A 228 -21.01 -27.58 -21.79
C LYS A 228 -21.91 -27.02 -22.90
N VAL A 229 -23.02 -27.71 -23.16
CA VAL A 229 -24.01 -27.24 -24.13
C VAL A 229 -24.66 -25.97 -23.58
N PHE A 230 -25.05 -26.02 -22.30
CA PHE A 230 -25.61 -24.86 -21.61
C PHE A 230 -24.64 -23.69 -21.70
N LEU A 231 -23.40 -23.93 -21.29
CA LEU A 231 -22.37 -22.88 -21.25
C LEU A 231 -22.19 -22.24 -22.62
N PHE A 232 -22.09 -23.05 -23.66
CA PHE A 232 -21.92 -22.54 -25.03
C PHE A 232 -23.12 -21.69 -25.46
N ILE A 233 -24.32 -22.16 -25.16
CA ILE A 233 -25.54 -21.44 -25.49
C ILE A 233 -25.49 -20.07 -24.81
N ARG A 234 -25.23 -20.07 -23.51
CA ARG A 234 -25.09 -18.84 -22.73
C ARG A 234 -24.06 -17.89 -23.34
N ASN A 235 -22.85 -18.41 -23.56
CA ASN A 235 -21.74 -17.63 -24.12
C ASN A 235 -22.03 -17.08 -25.51
N ARG A 236 -22.67 -17.89 -26.35
CA ARG A 236 -22.98 -17.49 -27.73
C ARG A 236 -24.06 -16.41 -27.76
N THR A 237 -25.08 -16.57 -26.92
CA THR A 237 -26.16 -15.59 -26.82
C THR A 237 -25.61 -14.23 -26.37
N LEU A 238 -24.72 -14.27 -25.38
CA LEU A 238 -24.03 -13.08 -24.91
C LEU A 238 -23.26 -12.41 -26.05
N GLN A 239 -22.48 -13.20 -26.78
CA GLN A 239 -21.70 -12.71 -27.92
C GLN A 239 -22.59 -11.98 -28.92
N LEU A 240 -23.72 -12.60 -29.26
CA LEU A 240 -24.68 -12.02 -30.20
C LEU A 240 -25.16 -10.64 -29.75
N TRP A 241 -25.56 -10.55 -28.48
CA TRP A 241 -25.99 -9.28 -27.89
C TRP A 241 -24.88 -8.26 -27.86
N LEU A 242 -23.68 -8.72 -27.53
CA LEU A 242 -22.53 -7.83 -27.39
C LEU A 242 -22.07 -7.27 -28.73
N ASP A 243 -22.09 -8.11 -29.77
CA ASP A 243 -21.69 -7.71 -31.11
C ASP A 243 -22.60 -6.63 -31.68
N ASN A 244 -23.84 -6.60 -31.22
CA ASN A 244 -24.79 -5.56 -31.60
C ASN A 244 -25.74 -5.21 -30.46
N PRO A 245 -25.34 -4.24 -29.61
CA PRO A 245 -26.14 -3.88 -28.44
C PRO A 245 -27.13 -2.74 -28.68
N LYS A 246 -27.24 -2.30 -29.94
CA LYS A 246 -28.18 -1.22 -30.28
C LYS A 246 -29.57 -1.73 -30.68
N ILE A 247 -29.69 -3.05 -30.85
CA ILE A 247 -30.96 -3.68 -31.16
C ILE A 247 -31.28 -4.83 -30.20
N GLN A 248 -32.57 -5.02 -29.91
CA GLN A 248 -33.02 -6.09 -29.03
C GLN A 248 -32.68 -7.46 -29.63
N LEU A 249 -32.21 -8.36 -28.79
CA LEU A 249 -31.94 -9.73 -29.22
C LEU A 249 -33.07 -10.65 -28.74
N THR A 250 -33.94 -11.03 -29.65
CA THR A 250 -35.07 -11.91 -29.35
C THR A 250 -34.64 -13.36 -29.28
N PHE A 251 -35.50 -14.21 -28.74
CA PHE A 251 -35.26 -15.64 -28.68
C PHE A 251 -35.20 -16.25 -30.09
N GLU A 252 -36.04 -15.75 -30.99
CA GLU A 252 -36.06 -16.18 -32.38
C GLU A 252 -34.74 -15.90 -33.07
N ALA A 253 -34.28 -14.66 -32.98
CA ALA A 253 -33.00 -14.25 -33.58
C ALA A 253 -31.82 -15.05 -33.02
N THR A 254 -31.93 -15.45 -31.76
CA THR A 254 -30.90 -16.24 -31.09
C THR A 254 -30.85 -17.65 -31.66
N LEU A 255 -31.99 -18.33 -31.67
CA LEU A 255 -32.11 -19.70 -32.17
C LEU A 255 -31.73 -19.79 -33.64
N GLN A 256 -32.05 -18.74 -34.39
CA GLN A 256 -31.69 -18.63 -35.80
C GLN A 256 -30.19 -18.81 -36.02
N GLN A 257 -29.37 -18.12 -35.23
CA GLN A 257 -27.93 -18.13 -35.41
C GLN A 257 -27.19 -19.22 -34.63
N LEU A 258 -27.94 -20.11 -33.99
CA LEU A 258 -27.35 -21.25 -33.29
C LEU A 258 -27.21 -22.48 -34.19
N GLU A 259 -26.12 -23.21 -33.99
CA GLU A 259 -25.79 -24.40 -34.81
C GLU A 259 -26.15 -25.69 -34.08
N ALA A 260 -26.14 -26.79 -34.82
CA ALA A 260 -26.29 -28.12 -34.24
C ALA A 260 -24.99 -28.51 -33.54
N PRO A 261 -25.06 -29.27 -32.44
CA PRO A 261 -26.26 -29.81 -31.78
C PRO A 261 -26.86 -28.86 -30.74
N TYR A 262 -26.44 -27.58 -30.78
CA TYR A 262 -26.86 -26.61 -29.78
C TYR A 262 -28.26 -26.06 -30.03
N ASN A 263 -28.68 -26.03 -31.29
CA ASN A 263 -30.02 -25.54 -31.65
C ASN A 263 -31.07 -26.66 -31.73
N SER A 264 -30.75 -27.83 -31.19
CA SER A 264 -31.64 -28.98 -31.21
C SER A 264 -32.67 -28.93 -30.08
N ASP A 265 -32.22 -28.57 -28.89
CA ASP A 265 -33.10 -28.41 -27.73
C ASP A 265 -33.58 -26.97 -27.64
N THR A 266 -34.79 -26.72 -28.14
CA THR A 266 -35.32 -25.35 -28.23
C THR A 266 -35.80 -24.80 -26.89
N VAL A 267 -36.17 -25.68 -25.96
CA VAL A 267 -36.58 -25.23 -24.61
C VAL A 267 -35.38 -24.82 -23.76
N LEU A 268 -34.25 -25.51 -23.96
CA LEU A 268 -33.00 -25.13 -23.30
C LEU A 268 -32.54 -23.74 -23.75
N VAL A 269 -32.62 -23.49 -25.05
CA VAL A 269 -32.29 -22.18 -25.61
C VAL A 269 -33.21 -21.09 -25.04
N HIS A 270 -34.51 -21.42 -24.95
CA HIS A 270 -35.51 -20.48 -24.45
C HIS A 270 -35.34 -20.18 -22.98
N ARG A 271 -34.93 -21.19 -22.22
CA ARG A 271 -34.64 -21.02 -20.79
C ARG A 271 -33.43 -20.12 -20.56
N VAL A 272 -32.36 -20.36 -21.33
CA VAL A 272 -31.14 -19.56 -21.25
C VAL A 272 -31.43 -18.10 -21.61
N HIS A 273 -32.04 -17.89 -22.77
CA HIS A 273 -32.34 -16.54 -23.24
C HIS A 273 -33.16 -15.77 -22.25
N SER A 274 -34.17 -16.42 -21.68
CA SER A 274 -35.05 -15.79 -20.70
C SER A 274 -34.29 -15.38 -19.46
N TYR A 275 -33.46 -16.29 -18.95
CA TYR A 275 -32.59 -16.02 -17.80
C TYR A 275 -31.69 -14.82 -18.03
N LEU A 276 -31.10 -14.74 -19.22
CA LEU A 276 -30.18 -13.67 -19.56
C LEU A 276 -30.89 -12.33 -19.74
N GLU A 277 -32.12 -12.38 -20.21
CA GLU A 277 -32.91 -11.17 -20.42
C GLU A 277 -33.43 -10.66 -19.08
N ARG A 278 -33.86 -11.60 -18.24
CA ARG A 278 -34.41 -11.27 -16.93
C ARG A 278 -33.36 -10.60 -16.05
N HIS A 279 -32.15 -11.15 -16.04
CA HIS A 279 -31.09 -10.64 -15.18
C HIS A 279 -30.21 -9.61 -15.84
N GLY A 280 -30.67 -9.09 -16.97
CA GLY A 280 -30.07 -7.92 -17.61
C GLY A 280 -28.66 -8.11 -18.14
N LEU A 281 -28.31 -9.34 -18.51
CA LEU A 281 -27.05 -9.60 -19.17
C LEU A 281 -27.17 -9.33 -20.68
N ILE A 282 -28.35 -9.55 -21.22
CA ILE A 282 -28.69 -9.15 -22.58
C ILE A 282 -29.89 -8.19 -22.53
N ASN A 283 -30.05 -7.39 -23.59
CA ASN A 283 -31.15 -6.43 -23.70
C ASN A 283 -31.29 -5.51 -22.49
N PHE A 284 -30.20 -4.84 -22.14
CA PHE A 284 -30.22 -3.81 -21.11
C PHE A 284 -29.72 -2.51 -21.69
N GLY A 285 -30.14 -1.40 -21.08
CA GLY A 285 -29.72 -0.09 -21.53
C GLY A 285 -30.68 0.51 -22.54
N ILE A 286 -30.12 1.06 -23.62
CA ILE A 286 -30.91 1.76 -24.64
C ILE A 286 -30.77 1.04 -25.97
N TYR A 287 -31.84 0.35 -26.36
CA TYR A 287 -31.86 -0.46 -27.58
C TYR A 287 -33.21 -0.37 -28.26
N LYS A 288 -33.20 -0.46 -29.60
CA LYS A 288 -34.43 -0.48 -30.38
C LYS A 288 -35.17 -1.79 -30.19
N ARG A 289 -36.43 -1.67 -29.80
CA ARG A 289 -37.29 -2.82 -29.52
C ARG A 289 -37.88 -3.34 -30.82
N ILE A 290 -37.81 -4.66 -31.01
CA ILE A 290 -38.42 -5.30 -32.16
C ILE A 290 -39.92 -5.53 -31.89
N LYS A 291 -40.22 -6.09 -30.72
CA LYS A 291 -41.61 -6.29 -30.29
C LYS A 291 -42.03 -5.14 -29.39
N PRO A 292 -42.80 -4.16 -29.92
CA PRO A 292 -43.23 -3.01 -29.12
C PRO A 292 -43.90 -3.42 -27.81
N LEU A 293 -43.64 -2.65 -26.75
CA LEU A 293 -44.06 -2.97 -25.38
C LEU A 293 -45.50 -3.45 -25.24
N PRO A 294 -45.73 -4.48 -24.38
CA PRO A 294 -47.05 -5.04 -24.13
C PRO A 294 -48.12 -3.97 -23.89
N THR A 295 -49.31 -4.19 -24.46
CA THR A 295 -50.42 -3.24 -24.40
C THR A 295 -50.78 -2.83 -22.96
N LYS A 296 -50.98 -3.81 -22.08
CA LYS A 296 -51.27 -3.55 -20.67
C LYS A 296 -50.19 -4.06 -19.72
N LYS A 297 -50.07 -3.36 -18.60
CA LYS A 297 -48.99 -3.58 -17.64
C LYS A 297 -49.41 -4.46 -16.48
N THR A 298 -48.45 -5.17 -15.90
CA THR A 298 -48.69 -6.03 -14.74
C THR A 298 -47.87 -5.55 -13.55
N GLY A 299 -48.52 -5.35 -12.41
CA GLY A 299 -47.85 -4.89 -11.20
C GLY A 299 -47.47 -3.42 -11.23
N LYS A 300 -47.21 -2.85 -10.06
CA LYS A 300 -46.84 -1.43 -9.93
C LYS A 300 -45.66 -1.24 -8.97
N VAL A 301 -44.60 -0.60 -9.48
CA VAL A 301 -43.38 -0.36 -8.68
C VAL A 301 -43.03 1.12 -8.60
N ILE A 302 -42.81 1.58 -7.37
CA ILE A 302 -42.28 2.93 -7.13
C ILE A 302 -40.79 2.81 -6.86
N ILE A 303 -40.00 3.60 -7.60
CA ILE A 303 -38.56 3.63 -7.44
C ILE A 303 -38.14 4.97 -6.85
N ILE A 304 -37.54 4.91 -5.67
CA ILE A 304 -37.04 6.11 -5.00
C ILE A 304 -35.66 6.48 -5.55
N GLY A 305 -35.57 7.66 -6.15
CA GLY A 305 -34.33 8.16 -6.72
C GLY A 305 -34.14 7.78 -8.17
N SER A 306 -33.74 8.75 -8.99
CA SER A 306 -33.47 8.50 -10.41
C SER A 306 -31.99 8.71 -10.74
N GLY A 307 -31.13 8.17 -9.89
CA GLY A 307 -29.72 8.00 -10.21
C GLY A 307 -29.59 6.87 -11.20
N VAL A 308 -28.36 6.46 -11.51
CA VAL A 308 -28.14 5.41 -12.50
C VAL A 308 -28.75 4.07 -12.05
N SER A 309 -28.63 3.77 -10.76
CA SER A 309 -29.18 2.51 -10.24
C SER A 309 -30.71 2.48 -10.37
N GLY A 310 -31.35 3.59 -10.02
CA GLY A 310 -32.80 3.74 -10.17
C GLY A 310 -33.24 3.65 -11.63
N LEU A 311 -32.57 4.40 -12.49
CA LEU A 311 -32.89 4.44 -13.92
C LEU A 311 -32.70 3.08 -14.59
N ALA A 312 -31.62 2.40 -14.24
CA ALA A 312 -31.30 1.09 -14.82
C ALA A 312 -32.42 0.10 -14.55
N ALA A 313 -32.89 0.08 -13.31
CA ALA A 313 -33.97 -0.83 -12.90
C ALA A 313 -35.29 -0.47 -13.59
N ALA A 314 -35.61 0.82 -13.57
CA ALA A 314 -36.83 1.34 -14.20
C ALA A 314 -36.96 0.86 -15.63
N ARG A 315 -35.90 1.02 -16.43
CA ARG A 315 -35.91 0.57 -17.82
C ARG A 315 -36.22 -0.91 -17.93
N GLN A 316 -35.56 -1.70 -17.08
CA GLN A 316 -35.72 -3.14 -17.10
C GLN A 316 -37.14 -3.58 -16.75
N LEU A 317 -37.68 -2.99 -15.68
CA LEU A 317 -39.02 -3.33 -15.22
C LEU A 317 -40.07 -2.96 -16.28
N GLN A 318 -39.98 -1.76 -16.81
CA GLN A 318 -40.80 -1.34 -17.95
C GLN A 318 -40.68 -2.32 -19.12
N SER A 319 -39.45 -2.76 -19.40
CA SER A 319 -39.21 -3.76 -20.45
C SER A 319 -39.88 -5.10 -20.15
N PHE A 320 -40.09 -5.38 -18.87
CA PHE A 320 -40.75 -6.62 -18.47
C PHE A 320 -42.26 -6.44 -18.39
N GLY A 321 -42.73 -5.21 -18.66
CA GLY A 321 -44.15 -4.90 -18.70
C GLY A 321 -44.75 -4.55 -17.35
N MET A 322 -43.96 -3.88 -16.51
CA MET A 322 -44.47 -3.41 -15.22
C MET A 322 -44.78 -1.92 -15.27
N ASP A 323 -45.62 -1.45 -14.36
CA ASP A 323 -45.91 -0.03 -14.24
C ASP A 323 -44.90 0.58 -13.28
N VAL A 324 -44.14 1.54 -13.79
CA VAL A 324 -43.00 2.08 -13.04
C VAL A 324 -43.04 3.60 -12.95
N THR A 325 -42.92 4.12 -11.73
CA THR A 325 -42.76 5.56 -11.50
C THR A 325 -41.56 5.81 -10.57
N LEU A 326 -40.69 6.74 -11.00
CA LEU A 326 -39.52 7.13 -10.22
C LEU A 326 -39.77 8.46 -9.52
N LEU A 327 -39.40 8.52 -8.25
CA LEU A 327 -39.52 9.75 -7.48
C LEU A 327 -38.15 10.34 -7.19
N GLU A 328 -37.88 11.49 -7.81
CA GLU A 328 -36.60 12.17 -7.67
C GLU A 328 -36.77 13.47 -6.90
N ALA A 329 -35.94 13.67 -5.88
CA ALA A 329 -35.94 14.89 -5.07
C ALA A 329 -35.36 16.08 -5.86
N ARG A 330 -34.31 15.83 -6.63
CA ARG A 330 -33.65 16.86 -7.44
C ARG A 330 -34.52 17.31 -8.62
N ASP A 331 -34.12 18.41 -9.25
CA ASP A 331 -34.77 18.88 -10.47
C ASP A 331 -34.15 18.27 -11.73
N ARG A 332 -33.35 17.21 -11.55
CA ARG A 332 -32.66 16.53 -12.63
C ARG A 332 -32.47 15.05 -12.32
N VAL A 333 -32.22 14.26 -13.37
CA VAL A 333 -31.85 12.86 -13.21
C VAL A 333 -30.32 12.73 -13.02
N GLY A 334 -29.86 11.52 -12.73
CA GLY A 334 -28.43 11.23 -12.67
C GLY A 334 -27.85 11.08 -11.27
N GLY A 335 -28.40 11.84 -10.33
CA GLY A 335 -27.95 11.79 -8.94
C GLY A 335 -26.51 12.20 -8.81
N ARG A 336 -25.66 11.27 -8.39
CA ARG A 336 -24.23 11.52 -8.23
C ARG A 336 -23.49 11.55 -9.56
N VAL A 337 -24.24 11.40 -10.66
CA VAL A 337 -23.74 11.78 -11.98
C VAL A 337 -24.25 13.19 -12.22
N ALA A 338 -23.40 14.16 -11.88
CA ALA A 338 -23.72 15.57 -12.01
C ALA A 338 -22.75 16.21 -12.99
N THR A 339 -23.29 16.98 -13.92
CA THR A 339 -22.50 17.58 -14.99
C THR A 339 -22.76 19.08 -15.08
N PHE A 340 -21.72 19.86 -14.81
CA PHE A 340 -21.78 21.30 -14.96
C PHE A 340 -21.71 21.65 -16.44
N ARG A 341 -22.64 22.49 -16.89
CA ARG A 341 -22.68 22.94 -18.28
C ARG A 341 -22.93 24.44 -18.33
N LYS A 342 -22.07 25.14 -19.05
CA LYS A 342 -22.22 26.58 -19.28
C LYS A 342 -21.42 26.97 -20.52
N GLY A 343 -22.15 27.41 -21.55
CA GLY A 343 -21.54 27.76 -22.83
C GLY A 343 -20.91 26.57 -23.52
N ASN A 344 -19.58 26.56 -23.54
CA ASN A 344 -18.81 25.46 -24.13
C ASN A 344 -18.13 24.63 -23.04
N TYR A 345 -18.11 25.17 -21.84
CA TYR A 345 -17.55 24.48 -20.68
C TYR A 345 -18.47 23.34 -20.25
N VAL A 346 -17.89 22.15 -20.15
CA VAL A 346 -18.60 20.98 -19.64
C VAL A 346 -17.65 20.25 -18.69
N ALA A 347 -18.06 20.13 -17.43
CA ALA A 347 -17.23 19.46 -16.42
C ALA A 347 -18.07 18.69 -15.39
N ASP A 348 -17.72 17.42 -15.18
CA ASP A 348 -18.43 16.58 -14.24
C ASP A 348 -18.07 16.88 -12.80
N LEU A 349 -19.08 17.13 -11.98
CA LEU A 349 -18.90 17.36 -10.56
C LEU A 349 -19.02 16.04 -9.79
N GLY A 350 -19.53 15.01 -10.46
CA GLY A 350 -19.68 13.68 -9.87
C GLY A 350 -18.80 12.69 -10.60
N ALA A 351 -19.35 11.53 -10.96
CA ALA A 351 -18.52 10.51 -11.66
C ALA A 351 -18.08 11.11 -13.03
N MET A 352 -16.91 10.65 -13.47
CA MET A 352 -16.17 11.29 -14.54
C MET A 352 -15.44 10.25 -15.40
N VAL A 353 -15.02 9.16 -14.76
CA VAL A 353 -14.13 8.18 -15.39
C VAL A 353 -14.82 6.83 -15.58
N VAL A 354 -14.68 6.27 -16.78
CA VAL A 354 -15.01 4.88 -17.02
C VAL A 354 -13.76 4.06 -16.74
N THR A 355 -13.78 3.31 -15.65
CA THR A 355 -12.57 2.64 -15.14
C THR A 355 -12.22 1.35 -15.89
N GLY A 356 -12.08 1.46 -17.21
CA GLY A 356 -11.67 0.33 -18.06
C GLY A 356 -12.86 -0.38 -18.68
N LEU A 357 -12.76 -0.69 -19.96
CA LEU A 357 -13.85 -1.29 -20.73
C LEU A 357 -13.93 -2.81 -20.62
N GLY A 358 -12.85 -3.44 -20.18
CA GLY A 358 -12.74 -4.90 -20.14
C GLY A 358 -13.64 -5.53 -19.10
N GLY A 359 -14.85 -5.90 -19.52
CA GLY A 359 -15.84 -6.49 -18.63
C GLY A 359 -16.77 -5.47 -18.00
N ASN A 360 -16.68 -4.23 -18.48
CA ASN A 360 -17.47 -3.13 -17.98
C ASN A 360 -18.81 -3.05 -18.73
N PRO A 361 -19.94 -3.09 -17.99
CA PRO A 361 -21.24 -2.94 -18.63
C PRO A 361 -21.40 -1.56 -19.25
N MET A 362 -20.59 -0.61 -18.81
CA MET A 362 -20.59 0.74 -19.38
C MET A 362 -20.04 0.74 -20.81
N ALA A 363 -19.31 -0.31 -21.17
CA ALA A 363 -18.81 -0.50 -22.53
C ALA A 363 -19.98 -0.67 -23.49
N VAL A 364 -20.96 -1.46 -23.06
CA VAL A 364 -22.20 -1.67 -23.83
C VAL A 364 -22.95 -0.35 -23.95
N VAL A 365 -23.14 0.32 -22.81
CA VAL A 365 -23.84 1.60 -22.77
C VAL A 365 -23.16 2.63 -23.68
N SER A 366 -21.84 2.65 -23.66
CA SER A 366 -21.06 3.60 -24.48
C SER A 366 -21.23 3.38 -25.98
N LYS A 367 -21.62 2.18 -26.37
CA LYS A 367 -21.95 1.89 -27.77
C LYS A 367 -23.39 2.33 -28.09
N GLN A 368 -24.24 2.33 -27.06
CA GLN A 368 -25.64 2.72 -27.21
C GLN A 368 -25.83 4.23 -27.16
N VAL A 369 -24.98 4.91 -26.39
CA VAL A 369 -25.07 6.36 -26.23
C VAL A 369 -23.84 7.02 -26.83
N ASN A 370 -24.02 8.23 -27.36
CA ASN A 370 -22.91 9.04 -27.85
C ASN A 370 -22.01 9.51 -26.69
N MET A 371 -21.11 8.63 -26.27
CA MET A 371 -20.14 8.95 -25.24
C MET A 371 -18.78 9.16 -25.89
N GLU A 372 -18.26 10.38 -25.78
CA GLU A 372 -16.93 10.68 -26.28
C GLU A 372 -15.91 10.25 -25.24
N LEU A 373 -15.42 9.02 -25.38
CA LEU A 373 -14.48 8.47 -24.41
C LEU A 373 -13.03 8.71 -24.82
N ALA A 374 -12.28 9.36 -23.92
CA ALA A 374 -10.87 9.68 -24.16
C ALA A 374 -9.99 9.10 -23.05
N LYS A 375 -8.94 8.41 -23.45
CA LYS A 375 -8.01 7.75 -22.52
C LYS A 375 -7.26 8.74 -21.64
N ILE A 376 -6.90 8.29 -20.44
CA ILE A 376 -6.16 9.11 -19.49
C ILE A 376 -4.70 8.67 -19.49
N LYS A 377 -3.80 9.61 -19.79
CA LYS A 377 -2.37 9.35 -19.71
C LYS A 377 -1.95 9.26 -18.23
N GLN A 378 -1.27 8.18 -17.89
CA GLN A 378 -0.95 7.85 -16.51
C GLN A 378 -0.01 8.82 -15.81
N LYS A 379 0.91 9.42 -16.57
CA LYS A 379 1.98 10.24 -15.99
C LYS A 379 1.45 11.41 -15.18
N CYS A 380 1.94 11.53 -13.95
CA CYS A 380 1.52 12.57 -13.03
C CYS A 380 2.72 13.23 -12.34
N PRO A 381 3.26 14.30 -12.95
CA PRO A 381 4.35 15.05 -12.32
C PRO A 381 3.88 15.77 -11.05
N LEU A 382 4.65 15.62 -9.97
CA LEU A 382 4.34 16.28 -8.70
C LEU A 382 5.10 17.59 -8.57
N TYR A 383 4.56 18.49 -7.75
CA TYR A 383 5.18 19.79 -7.50
C TYR A 383 5.05 20.11 -6.03
N GLU A 384 6.17 20.39 -5.37
CA GLU A 384 6.19 20.69 -3.95
C GLU A 384 5.59 22.06 -3.63
N ALA A 385 5.45 22.35 -2.34
CA ALA A 385 4.86 23.60 -1.87
C ALA A 385 5.47 24.85 -2.52
N ASN A 386 6.80 24.82 -2.73
CA ASN A 386 7.52 25.91 -3.38
C ASN A 386 7.09 26.17 -4.83
N GLY A 387 6.54 25.13 -5.47
CA GLY A 387 6.05 25.22 -6.84
C GLY A 387 6.98 24.61 -7.87
N GLN A 388 7.95 23.83 -7.40
CA GLN A 388 8.93 23.20 -8.29
C GLN A 388 8.85 21.68 -8.27
N ALA A 389 9.04 21.08 -9.44
CA ALA A 389 8.89 19.64 -9.63
C ALA A 389 9.78 18.81 -8.72
N VAL A 390 9.27 17.66 -8.30
CA VAL A 390 10.05 16.66 -7.59
C VAL A 390 10.91 15.94 -8.63
N PRO A 391 12.24 15.91 -8.42
CA PRO A 391 13.16 15.22 -9.34
C PRO A 391 12.82 13.74 -9.49
N LYS A 392 12.98 13.22 -10.71
CA LYS A 392 12.67 11.82 -11.02
C LYS A 392 13.35 10.83 -10.07
N GLU A 393 14.40 11.30 -9.40
CA GLU A 393 15.11 10.53 -8.37
C GLU A 393 14.19 10.23 -7.19
N LYS A 394 13.72 11.28 -6.52
CA LYS A 394 12.84 11.13 -5.36
C LYS A 394 11.43 10.69 -5.75
N ASP A 395 10.94 11.22 -6.87
CA ASP A 395 9.62 10.86 -7.41
C ASP A 395 9.42 9.36 -7.53
N GLU A 396 10.53 8.63 -7.69
CA GLU A 396 10.48 7.17 -7.79
C GLU A 396 10.81 6.49 -6.46
N MET A 397 11.68 7.10 -5.66
CA MET A 397 12.07 6.55 -4.37
C MET A 397 10.90 6.53 -3.40
N VAL A 398 10.13 7.62 -3.40
CA VAL A 398 8.99 7.77 -2.50
C VAL A 398 7.81 6.91 -2.95
N GLU A 399 7.51 6.93 -4.25
CA GLU A 399 6.44 6.10 -4.80
C GLU A 399 6.66 4.63 -4.50
N GLN A 400 7.87 4.14 -4.77
CA GLN A 400 8.23 2.75 -4.51
C GLN A 400 8.12 2.43 -3.03
N GLU A 401 8.42 3.42 -2.18
CA GLU A 401 8.30 3.25 -0.73
C GLU A 401 6.83 3.18 -0.31
N PHE A 402 6.00 4.02 -0.96
CA PHE A 402 4.56 3.99 -0.74
C PHE A 402 3.99 2.60 -1.05
N ASN A 403 4.27 2.10 -2.25
CA ASN A 403 3.82 0.77 -2.68
C ASN A 403 4.31 -0.33 -1.72
N ARG A 404 5.55 -0.16 -1.24
CA ARG A 404 6.15 -1.07 -0.28
C ARG A 404 5.43 -1.03 1.06
N LEU A 405 5.08 0.18 1.50
CA LEU A 405 4.33 0.36 2.74
C LEU A 405 2.93 -0.27 2.69
N LEU A 406 2.28 -0.17 1.53
CA LEU A 406 0.99 -0.84 1.32
C LEU A 406 1.11 -2.35 1.42
N GLU A 407 2.02 -2.95 0.65
CA GLU A 407 2.29 -4.38 0.72
C GLU A 407 2.55 -4.81 2.15
N ALA A 408 3.23 -3.95 2.91
CA ALA A 408 3.59 -4.22 4.30
C ALA A 408 2.36 -4.30 5.21
N THR A 409 1.37 -3.44 4.96
CA THR A 409 0.13 -3.46 5.74
C THR A 409 -0.65 -4.73 5.44
N SER A 410 -0.67 -5.09 4.16
CA SER A 410 -1.29 -6.35 3.71
C SER A 410 -0.65 -7.54 4.42
N TYR A 411 0.68 -7.53 4.50
CA TYR A 411 1.43 -8.53 5.26
C TYR A 411 1.03 -8.53 6.74
N LEU A 412 1.00 -7.34 7.35
CA LEU A 412 0.55 -7.19 8.74
C LEU A 412 -0.83 -7.79 8.99
N SER A 413 -1.71 -7.65 8.01
CA SER A 413 -3.08 -8.12 8.13
C SER A 413 -3.19 -9.64 7.98
N HIS A 414 -2.70 -10.16 6.86
CA HIS A 414 -2.90 -11.57 6.52
C HIS A 414 -1.95 -12.52 7.21
N GLN A 415 -0.69 -12.10 7.38
CA GLN A 415 0.36 -12.98 7.89
C GLN A 415 0.59 -12.86 9.40
N LEU A 416 0.55 -11.63 9.90
CA LEU A 416 0.75 -11.41 11.34
C LEU A 416 -0.58 -11.30 12.10
N ASP A 417 -1.69 -11.29 11.36
CA ASP A 417 -3.04 -11.18 11.90
C ASP A 417 -3.23 -10.00 12.86
N PHE A 418 -2.71 -8.84 12.46
CA PHE A 418 -2.82 -7.61 13.23
C PHE A 418 -4.09 -6.88 12.78
N ASN A 419 -5.23 -7.31 13.30
CA ASN A 419 -6.53 -6.78 12.86
C ASN A 419 -7.43 -6.24 13.96
N VAL A 420 -7.12 -6.57 15.21
CA VAL A 420 -7.84 -6.03 16.37
C VAL A 420 -6.85 -5.45 17.37
N LEU A 421 -7.06 -4.17 17.73
CA LEU A 421 -6.22 -3.50 18.72
C LEU A 421 -7.09 -2.78 19.75
N ASN A 422 -6.99 -3.23 21.00
CA ASN A 422 -7.78 -2.70 22.12
C ASN A 422 -9.29 -2.79 21.86
N ASN A 423 -9.71 -3.96 21.38
CA ASN A 423 -11.10 -4.24 20.98
C ASN A 423 -11.55 -3.56 19.68
N LYS A 424 -10.97 -2.40 19.38
CA LYS A 424 -11.27 -1.67 18.16
C LYS A 424 -10.62 -2.34 16.94
N PRO A 425 -11.34 -2.39 15.80
CA PRO A 425 -10.74 -2.90 14.57
C PRO A 425 -9.67 -1.95 14.03
N VAL A 426 -8.56 -2.52 13.58
CA VAL A 426 -7.44 -1.74 13.06
C VAL A 426 -7.79 -1.15 11.70
N SER A 427 -7.43 0.11 11.52
CA SER A 427 -7.61 0.79 10.24
C SER A 427 -6.35 0.71 9.39
N LEU A 428 -6.48 1.02 8.11
CA LEU A 428 -5.33 1.12 7.21
C LEU A 428 -4.36 2.19 7.69
N GLY A 429 -4.90 3.33 8.13
CA GLY A 429 -4.10 4.42 8.68
C GLY A 429 -3.23 4.01 9.86
N GLN A 430 -3.85 3.38 10.86
CA GLN A 430 -3.13 2.85 12.02
C GLN A 430 -1.99 1.94 11.60
N ALA A 431 -2.30 0.98 10.71
CA ALA A 431 -1.33 0.00 10.24
C ALA A 431 -0.16 0.65 9.54
N LEU A 432 -0.44 1.61 8.66
CA LEU A 432 0.60 2.37 7.95
C LEU A 432 1.52 3.12 8.92
N GLU A 433 0.92 3.67 9.97
CA GLU A 433 1.65 4.39 11.00
C GLU A 433 2.60 3.44 11.72
N VAL A 434 2.08 2.28 12.10
CA VAL A 434 2.89 1.25 12.78
C VAL A 434 4.04 0.80 11.89
N VAL A 435 3.76 0.51 10.63
CA VAL A 435 4.78 0.06 9.68
C VAL A 435 5.87 1.12 9.54
N ILE A 436 5.49 2.38 9.43
CA ILE A 436 6.45 3.49 9.33
C ILE A 436 7.34 3.56 10.56
N GLN A 437 6.73 3.45 11.74
CA GLN A 437 7.46 3.48 13.00
C GLN A 437 8.48 2.35 13.11
N LEU A 438 8.13 1.18 12.60
CA LEU A 438 9.04 0.04 12.58
C LEU A 438 10.17 0.21 11.57
N GLN A 439 9.93 1.02 10.54
CA GLN A 439 10.96 1.31 9.54
C GLN A 439 11.92 2.37 10.05
N GLU A 440 11.41 3.25 10.90
CA GLU A 440 12.26 4.24 11.58
C GLU A 440 13.04 3.57 12.70
N LYS A 441 12.46 2.53 13.29
CA LYS A 441 13.11 1.75 14.34
C LYS A 441 14.30 0.98 13.79
N HIS A 442 14.09 0.30 12.65
CA HIS A 442 15.15 -0.45 11.98
C HIS A 442 16.31 0.44 11.60
N VAL A 443 16.01 1.63 11.09
CA VAL A 443 17.04 2.62 10.73
C VAL A 443 17.95 2.91 11.93
N LYS A 444 17.34 3.12 13.09
CA LYS A 444 18.07 3.37 14.33
C LYS A 444 18.79 2.13 14.84
N ASP A 445 18.15 0.97 14.70
CA ASP A 445 18.77 -0.32 15.05
C ASP A 445 20.05 -0.56 14.25
N GLU A 446 20.00 -0.27 12.95
CA GLU A 446 21.14 -0.41 12.06
C GLU A 446 22.29 0.50 12.47
N GLN A 447 21.96 1.76 12.79
CA GLN A 447 22.95 2.73 13.25
C GLN A 447 23.60 2.29 14.55
N ILE A 448 22.77 1.86 15.51
CA ILE A 448 23.24 1.42 16.82
C ILE A 448 24.28 0.30 16.72
N GLU A 449 23.98 -0.73 15.92
CA GLU A 449 24.90 -1.86 15.78
C GLU A 449 26.10 -1.59 14.87
N HIS A 450 26.03 -0.52 14.07
CA HIS A 450 27.16 -0.09 13.25
C HIS A 450 28.18 0.66 14.07
N TRP A 451 27.71 1.59 14.89
CA TRP A 451 28.59 2.30 15.82
C TRP A 451 29.04 1.39 16.93
N LYS A 452 28.29 0.30 17.15
CA LYS A 452 28.65 -0.73 18.11
C LYS A 452 29.80 -1.59 17.57
N LYS A 453 29.87 -1.72 16.25
CA LYS A 453 31.01 -2.37 15.59
C LYS A 453 32.26 -1.52 15.77
N ILE A 454 32.09 -0.21 15.67
CA ILE A 454 33.20 0.73 15.77
C ILE A 454 33.84 0.74 17.17
N VAL A 455 33.02 0.80 18.22
CA VAL A 455 33.54 0.77 19.60
C VAL A 455 34.29 -0.51 19.93
N LYS A 456 33.83 -1.63 19.39
CA LYS A 456 34.47 -2.93 19.64
C LYS A 456 35.86 -2.97 19.02
N THR A 457 36.00 -2.38 17.83
CA THR A 457 37.27 -2.31 17.13
C THR A 457 38.18 -1.25 17.75
N GLN A 458 37.60 -0.10 18.08
CA GLN A 458 38.32 0.99 18.73
C GLN A 458 38.84 0.58 20.11
N GLU A 459 38.15 -0.36 20.74
CA GLU A 459 38.52 -0.85 22.06
C GLU A 459 39.56 -1.97 21.98
N GLU A 460 39.59 -2.67 20.85
CA GLU A 460 40.66 -3.60 20.55
C GLU A 460 41.96 -2.82 20.32
N LEU A 461 41.84 -1.71 19.61
CA LEU A 461 42.97 -0.82 19.35
C LEU A 461 43.53 -0.28 20.65
N LYS A 462 42.63 0.14 21.56
CA LYS A 462 43.01 0.66 22.86
C LYS A 462 43.89 -0.33 23.65
N GLU A 463 43.52 -1.60 23.61
CA GLU A 463 44.27 -2.65 24.31
C GLU A 463 45.60 -2.95 23.64
N LEU A 464 45.62 -2.87 22.31
CA LEU A 464 46.83 -3.11 21.53
C LEU A 464 47.83 -1.97 21.73
N LEU A 465 47.35 -0.74 21.71
CA LEU A 465 48.20 0.44 21.91
C LEU A 465 48.81 0.45 23.31
N ASN A 466 48.05 0.02 24.32
CA ASN A 466 48.55 -0.14 25.68
C ASN A 466 49.68 -1.16 25.75
N LYS A 467 49.47 -2.30 25.10
CA LYS A 467 50.48 -3.35 25.02
C LYS A 467 51.74 -2.83 24.32
N MET A 468 51.53 -2.01 23.28
CA MET A 468 52.64 -1.41 22.52
C MET A 468 53.42 -0.37 23.32
N VAL A 469 52.71 0.49 24.06
CA VAL A 469 53.34 1.49 24.91
C VAL A 469 54.17 0.83 26.01
N ASN A 470 53.64 -0.24 26.59
CA ASN A 470 54.34 -1.00 27.62
C ASN A 470 55.54 -1.78 27.09
N LEU A 471 55.48 -2.15 25.82
CA LEU A 471 56.56 -2.88 25.17
C LEU A 471 57.70 -1.94 24.76
N LYS A 472 57.32 -0.79 24.17
CA LYS A 472 58.29 0.25 23.85
C LYS A 472 58.99 0.75 25.12
N GLU A 473 58.30 0.63 26.25
CA GLU A 473 58.86 0.98 27.54
C GLU A 473 59.96 -0.01 27.95
N LYS A 474 59.68 -1.30 27.80
CA LYS A 474 60.64 -2.35 28.13
C LYS A 474 61.81 -2.40 27.14
N ILE A 475 61.53 -2.11 25.88
CA ILE A 475 62.56 -2.03 24.85
C ILE A 475 63.53 -0.88 25.14
N LYS A 476 62.98 0.26 25.49
CA LYS A 476 63.75 1.45 25.87
C LYS A 476 64.75 1.12 26.99
N GLU A 477 64.26 0.43 28.02
CA GLU A 477 65.07 0.04 29.17
C GLU A 477 66.09 -1.04 28.81
N LEU A 478 65.65 -2.02 28.01
CA LEU A 478 66.48 -3.17 27.63
C LEU A 478 67.64 -2.75 26.73
N HIS A 479 67.40 -1.77 25.87
CA HIS A 479 68.43 -1.22 24.99
C HIS A 479 69.51 -0.55 25.78
N GLN A 480 69.11 0.19 26.82
CA GLN A 480 70.04 0.84 27.73
C GLN A 480 70.93 -0.19 28.44
N GLN A 481 70.34 -1.31 28.81
CA GLN A 481 71.06 -2.39 29.48
C GLN A 481 72.08 -3.06 28.55
N TYR A 482 71.67 -3.30 27.30
CA TYR A 482 72.56 -3.84 26.28
C TYR A 482 73.70 -2.86 25.98
N LYS A 483 73.36 -1.57 25.93
CA LYS A 483 74.35 -0.53 25.69
C LYS A 483 75.43 -0.56 26.78
N GLU A 484 75.00 -0.53 28.04
CA GLU A 484 75.91 -0.58 29.19
C GLU A 484 76.77 -1.84 29.22
N ALA A 485 76.21 -2.94 28.74
CA ALA A 485 76.94 -4.20 28.64
C ALA A 485 78.02 -4.15 27.57
N SER A 486 77.77 -3.36 26.52
CA SER A 486 78.73 -3.18 25.43
C SER A 486 79.84 -2.18 25.76
N GLU A 487 79.56 -1.25 26.68
CA GLU A 487 80.54 -0.25 27.11
C GLU A 487 81.71 -0.91 27.84
N VAL A 488 81.44 -2.00 28.54
CA VAL A 488 82.48 -2.83 29.17
C VAL A 488 83.36 -3.37 28.06
N LYS A 489 84.48 -2.68 27.83
CA LYS A 489 85.40 -3.02 26.74
C LYS A 489 86.13 -4.34 27.00
N PRO A 490 86.42 -5.11 25.93
CA PRO A 490 87.21 -6.33 26.04
C PRO A 490 88.63 -6.06 26.56
N PRO A 491 89.31 -7.10 27.07
CA PRO A 491 88.85 -8.48 27.17
C PRO A 491 87.95 -8.69 28.38
N ARG A 492 86.94 -9.54 28.22
CA ARG A 492 85.99 -9.80 29.30
C ARG A 492 85.77 -11.29 29.50
N ASP A 493 85.46 -11.69 30.73
CA ASP A 493 85.19 -13.10 31.01
C ASP A 493 83.90 -13.56 30.34
N ILE A 494 83.56 -14.83 30.46
CA ILE A 494 82.46 -15.38 29.67
C ILE A 494 81.07 -14.92 30.12
N THR A 495 80.90 -14.65 31.42
CA THR A 495 79.64 -14.11 31.93
C THR A 495 79.36 -12.72 31.37
N ALA A 496 80.40 -11.89 31.29
CA ALA A 496 80.27 -10.55 30.74
C ALA A 496 80.02 -10.57 29.24
N GLU A 497 80.55 -11.58 28.57
CA GLU A 497 80.31 -11.79 27.14
C GLU A 497 78.88 -12.27 26.95
N PHE A 498 78.46 -13.19 27.83
CA PHE A 498 77.10 -13.73 27.82
C PHE A 498 76.05 -12.65 27.98
N LEU A 499 76.27 -11.74 28.93
CA LEU A 499 75.36 -10.64 29.17
C LEU A 499 75.07 -9.86 27.89
N VAL A 500 76.12 -9.50 27.16
CA VAL A 500 75.99 -8.79 25.88
C VAL A 500 75.13 -9.59 24.90
N LYS A 501 75.47 -10.88 24.74
CA LYS A 501 74.76 -11.77 23.82
C LYS A 501 73.31 -12.00 24.26
N SER A 502 73.13 -12.28 25.55
CA SER A 502 71.81 -12.50 26.13
C SER A 502 70.87 -11.32 25.91
N LYS A 503 71.33 -10.13 26.27
CA LYS A 503 70.55 -8.90 26.10
C LYS A 503 70.29 -8.58 24.62
N HIS A 504 71.23 -9.00 23.76
CA HIS A 504 71.06 -8.81 22.32
C HIS A 504 69.92 -9.64 21.82
N ARG A 505 69.89 -10.89 22.27
CA ARG A 505 68.82 -11.82 21.92
C ARG A 505 67.46 -11.30 22.40
N ASP A 506 67.40 -10.94 23.68
CA ASP A 506 66.18 -10.45 24.30
C ASP A 506 65.63 -9.21 23.63
N LEU A 507 66.51 -8.34 23.17
CA LEU A 507 66.08 -7.10 22.52
C LEU A 507 65.45 -7.37 21.15
N THR A 508 66.10 -8.19 20.34
CA THR A 508 65.56 -8.54 19.02
C THR A 508 64.27 -9.36 19.13
N ALA A 509 64.13 -10.09 20.23
CA ALA A 509 62.90 -10.84 20.51
C ALA A 509 61.72 -9.91 20.80
N LEU A 510 61.95 -8.90 21.63
CA LEU A 510 60.93 -7.90 21.96
C LEU A 510 60.65 -6.99 20.77
N CYS A 511 61.66 -6.77 19.93
CA CYS A 511 61.50 -5.99 18.71
C CYS A 511 60.70 -6.77 17.66
N LYS A 512 60.78 -8.09 17.73
CA LYS A 512 59.98 -8.97 16.88
C LYS A 512 58.49 -8.82 17.22
N GLU A 513 58.19 -8.81 18.51
CA GLU A 513 56.83 -8.64 19.00
C GLU A 513 56.22 -7.30 18.58
N TYR A 514 56.91 -6.21 18.86
CA TYR A 514 56.45 -4.86 18.55
C TYR A 514 56.13 -4.71 17.06
N ASP A 515 56.97 -5.31 16.21
CA ASP A 515 56.76 -5.28 14.76
C ASP A 515 55.51 -6.04 14.35
N GLU A 516 55.22 -7.13 15.06
CA GLU A 516 54.02 -7.92 14.82
C GLU A 516 52.77 -7.26 15.41
N LEU A 517 52.96 -6.41 16.41
CA LEU A 517 51.87 -5.62 17.00
C LEU A 517 51.54 -4.40 16.15
N ALA A 518 52.57 -3.81 15.53
CA ALA A 518 52.39 -2.69 14.60
C ALA A 518 51.75 -3.18 13.30
N GLU A 519 51.93 -4.46 13.01
CA GLU A 519 51.28 -5.13 11.89
C GLU A 519 49.77 -5.18 12.13
N THR A 520 49.39 -5.62 13.34
CA THR A 520 48.00 -5.70 13.76
C THR A 520 47.37 -4.30 13.88
N GLN A 521 48.15 -3.34 14.34
CA GLN A 521 47.69 -1.96 14.46
C GLN A 521 47.23 -1.41 13.11
N GLY A 522 47.99 -1.71 12.06
CA GLY A 522 47.67 -1.27 10.70
C GLY A 522 46.42 -1.93 10.15
N LYS A 523 46.16 -3.16 10.57
CA LYS A 523 44.97 -3.91 10.18
C LYS A 523 43.68 -3.32 10.77
N LEU A 524 43.71 -3.06 12.07
CA LEU A 524 42.56 -2.50 12.78
C LEU A 524 42.35 -1.03 12.43
N GLU A 525 43.44 -0.32 12.15
CA GLU A 525 43.39 1.11 11.87
C GLU A 525 42.69 1.41 10.54
N GLU A 526 42.84 0.50 9.57
CA GLU A 526 42.18 0.64 8.28
C GLU A 526 40.77 0.03 8.31
N LYS A 527 40.55 -0.90 9.23
CA LYS A 527 39.24 -1.49 9.46
C LYS A 527 38.26 -0.46 10.03
N LEU A 528 38.79 0.52 10.75
CA LEU A 528 38.00 1.62 11.30
C LEU A 528 37.64 2.65 10.22
N GLN A 529 38.56 2.86 9.28
CA GLN A 529 38.31 3.72 8.13
C GLN A 529 37.34 3.06 7.15
N GLU A 530 37.30 1.73 7.19
CA GLU A 530 36.34 0.93 6.43
C GLU A 530 34.92 1.20 6.90
N LEU A 531 34.68 1.04 8.21
CA LEU A 531 33.35 1.18 8.78
C LEU A 531 32.86 2.63 8.79
N GLU A 532 33.77 3.57 9.05
CA GLU A 532 33.43 5.00 9.06
C GLU A 532 33.19 5.57 7.66
N ALA A 533 33.65 4.85 6.63
CA ALA A 533 33.48 5.26 5.24
C ALA A 533 32.05 5.01 4.74
N ASN A 534 31.48 3.87 5.12
CA ASN A 534 30.12 3.53 4.72
C ASN A 534 29.17 3.32 5.91
N PRO A 535 28.56 4.41 6.40
CA PRO A 535 27.56 4.29 7.46
C PRO A 535 26.21 3.86 6.88
N PRO A 536 25.34 3.25 7.71
CA PRO A 536 23.99 2.94 7.24
C PRO A 536 23.15 4.21 7.07
N SER A 537 21.89 4.03 6.65
CA SER A 537 20.98 5.15 6.40
C SER A 537 20.89 6.10 7.59
N ASP A 538 20.95 7.39 7.29
CA ASP A 538 20.89 8.45 8.30
C ASP A 538 19.47 8.56 8.89
N VAL A 539 18.48 8.69 8.02
CA VAL A 539 17.07 8.72 8.39
C VAL A 539 16.28 7.76 7.50
N TYR A 540 15.08 7.39 7.93
CA TYR A 540 14.18 6.61 7.09
C TYR A 540 13.58 7.50 6.00
N LEU A 541 12.99 8.62 6.40
CA LEU A 541 12.46 9.60 5.48
C LEU A 541 12.66 11.01 6.03
N SER A 542 13.08 11.93 5.16
CA SER A 542 13.24 13.33 5.53
C SER A 542 11.91 14.06 5.49
N SER A 543 11.90 15.31 5.96
CA SER A 543 10.71 16.15 5.93
C SER A 543 10.20 16.35 4.51
N ARG A 544 11.13 16.50 3.57
CA ARG A 544 10.81 16.62 2.15
C ARG A 544 10.22 15.31 1.64
N ASP A 545 10.78 14.18 2.08
CA ASP A 545 10.32 12.86 1.68
C ASP A 545 8.93 12.55 2.20
N ARG A 546 8.71 12.82 3.50
CA ARG A 546 7.43 12.55 4.17
C ARG A 546 6.27 13.34 3.56
N GLN A 547 6.54 14.55 3.09
CA GLN A 547 5.53 15.38 2.43
C GLN A 547 5.09 14.78 1.10
N ILE A 548 6.05 14.25 0.33
CA ILE A 548 5.77 13.61 -0.96
C ILE A 548 5.03 12.29 -0.75
N LEU A 549 5.36 11.58 0.32
CA LEU A 549 4.66 10.35 0.71
C LEU A 549 3.21 10.65 1.09
N ASP A 550 2.99 11.80 1.73
CA ASP A 550 1.66 12.25 2.12
C ASP A 550 0.77 12.50 0.92
N TRP A 551 1.35 12.90 -0.20
CA TRP A 551 0.61 13.06 -1.45
C TRP A 551 0.11 11.73 -1.92
N HIS A 552 0.95 10.70 -1.83
CA HIS A 552 0.56 9.35 -2.19
C HIS A 552 -0.52 8.83 -1.29
N PHE A 553 -0.48 9.22 -0.02
CA PHE A 553 -1.54 8.88 0.92
C PHE A 553 -2.84 9.63 0.61
N ALA A 554 -2.70 10.89 0.19
CA ALA A 554 -3.85 11.70 -0.22
C ALA A 554 -4.53 11.08 -1.42
N ASN A 555 -3.73 10.63 -2.38
CA ASN A 555 -4.25 9.99 -3.59
C ASN A 555 -5.02 8.72 -3.28
N LEU A 556 -4.58 7.99 -2.26
CA LEU A 556 -5.28 6.78 -1.80
C LEU A 556 -6.55 7.17 -1.04
N GLU A 557 -6.48 8.29 -0.32
CA GLU A 557 -7.63 8.83 0.38
C GLU A 557 -8.65 9.36 -0.61
N PHE A 558 -8.16 9.83 -1.76
CA PHE A 558 -9.02 10.26 -2.86
C PHE A 558 -9.79 9.08 -3.46
N ALA A 559 -9.07 8.01 -3.79
CA ALA A 559 -9.67 6.84 -4.42
C ALA A 559 -10.73 6.18 -3.54
N ASN A 560 -10.57 6.28 -2.22
CA ASN A 560 -11.53 5.73 -1.28
C ASN A 560 -12.43 6.78 -0.67
N ALA A 561 -12.23 8.04 -1.10
CA ALA A 561 -12.97 9.21 -0.60
C ALA A 561 -13.13 9.22 0.92
N THR A 562 -12.04 8.95 1.64
CA THR A 562 -12.09 8.90 3.09
C THR A 562 -10.67 8.87 3.70
N PRO A 563 -10.51 9.50 4.89
CA PRO A 563 -9.29 9.40 5.67
C PRO A 563 -8.87 7.95 5.90
N LEU A 564 -7.59 7.66 5.70
CA LEU A 564 -7.07 6.30 5.83
C LEU A 564 -7.34 5.65 7.19
N SER A 565 -7.62 6.47 8.19
CA SER A 565 -7.90 5.98 9.53
C SER A 565 -9.33 5.42 9.66
N THR A 566 -10.14 5.59 8.61
CA THR A 566 -11.51 5.06 8.61
C THR A 566 -11.63 3.74 7.87
N LEU A 567 -10.71 3.49 6.93
CA LEU A 567 -10.73 2.27 6.11
C LEU A 567 -10.37 1.02 6.90
N SER A 568 -11.09 -0.07 6.65
CA SER A 568 -10.77 -1.37 7.23
C SER A 568 -9.43 -1.86 6.71
N LEU A 569 -8.57 -2.31 7.61
CA LEU A 569 -7.28 -2.87 7.22
C LEU A 569 -7.46 -4.14 6.39
N LYS A 570 -8.26 -5.07 6.92
CA LYS A 570 -8.46 -6.36 6.26
C LYS A 570 -9.20 -6.23 4.91
N HIS A 571 -10.19 -5.35 4.84
CA HIS A 571 -11.16 -5.38 3.75
C HIS A 571 -11.20 -4.21 2.79
N TRP A 572 -10.41 -3.17 3.06
CA TRP A 572 -10.52 -1.93 2.27
C TRP A 572 -10.39 -2.14 0.78
N ASP A 573 -9.68 -3.18 0.39
CA ASP A 573 -9.41 -3.45 -1.03
C ASP A 573 -10.05 -4.76 -1.50
N GLN A 574 -11.14 -5.15 -0.85
CA GLN A 574 -11.80 -6.44 -1.12
C GLN A 574 -12.33 -6.59 -2.56
N ASP A 575 -12.48 -5.48 -3.27
CA ASP A 575 -12.99 -5.50 -4.63
C ASP A 575 -11.91 -5.35 -5.70
N ASP A 576 -10.65 -5.59 -5.31
CA ASP A 576 -9.51 -5.48 -6.23
C ASP A 576 -9.52 -6.52 -7.34
N ASP A 577 -9.94 -7.73 -7.00
CA ASP A 577 -9.95 -8.86 -7.93
C ASP A 577 -10.93 -8.70 -9.09
N PHE A 578 -11.87 -7.76 -8.93
CA PHE A 578 -12.95 -7.60 -9.90
C PHE A 578 -12.75 -6.37 -10.77
N GLU A 579 -11.58 -5.76 -10.66
CA GLU A 579 -11.20 -4.59 -11.44
C GLU A 579 -11.22 -4.90 -12.94
N PHE A 580 -11.64 -3.93 -13.74
CA PHE A 580 -11.69 -4.12 -15.20
C PHE A 580 -10.31 -3.97 -15.84
N THR A 581 -10.18 -4.51 -17.05
CA THR A 581 -8.94 -4.38 -17.82
C THR A 581 -9.08 -3.25 -18.84
N GLY A 582 -7.95 -2.64 -19.20
CA GLY A 582 -7.93 -1.56 -20.18
C GLY A 582 -7.71 -0.20 -19.54
N SER A 583 -7.40 0.78 -20.38
CA SER A 583 -7.17 2.14 -19.94
C SER A 583 -8.43 2.76 -19.37
N HIS A 584 -8.28 3.54 -18.31
CA HIS A 584 -9.35 4.35 -17.76
C HIS A 584 -9.61 5.48 -18.73
N LEU A 585 -10.89 5.80 -18.92
CA LEU A 585 -11.29 6.83 -19.89
C LEU A 585 -12.16 7.89 -19.24
N THR A 586 -12.17 9.09 -19.82
CA THR A 586 -13.05 10.16 -19.36
C THR A 586 -14.20 10.34 -20.32
N VAL A 587 -15.34 10.79 -19.80
CA VAL A 587 -16.50 11.09 -20.63
C VAL A 587 -16.39 12.56 -21.02
N ARG A 588 -15.92 12.80 -22.23
CA ARG A 588 -15.51 14.13 -22.66
C ARG A 588 -16.68 15.10 -22.86
N ASN A 589 -17.85 14.55 -23.18
CA ASN A 589 -19.05 15.37 -23.40
C ASN A 589 -19.99 15.43 -22.18
N GLY A 590 -19.45 15.05 -21.01
CA GLY A 590 -20.21 15.08 -19.75
C GLY A 590 -20.95 13.78 -19.51
N TYR A 591 -20.78 13.22 -18.32
CA TYR A 591 -21.35 11.91 -17.99
C TYR A 591 -22.88 11.93 -17.97
N SER A 592 -23.48 13.09 -17.70
CA SER A 592 -24.94 13.23 -17.62
C SER A 592 -25.68 12.72 -18.85
N CYS A 593 -25.01 12.69 -20.00
CA CYS A 593 -25.59 12.14 -21.22
C CYS A 593 -26.08 10.71 -21.03
N VAL A 594 -25.54 10.02 -20.02
CA VAL A 594 -25.89 8.62 -19.76
C VAL A 594 -27.22 8.47 -19.02
N PRO A 595 -27.36 9.09 -17.83
CA PRO A 595 -28.66 9.05 -17.18
C PRO A 595 -29.78 9.67 -18.02
N VAL A 596 -29.51 10.82 -18.63
CA VAL A 596 -30.50 11.50 -19.48
C VAL A 596 -31.02 10.55 -20.57
N ALA A 597 -30.10 9.81 -21.21
CA ALA A 597 -30.47 8.85 -22.23
C ALA A 597 -31.30 7.70 -21.66
N LEU A 598 -30.94 7.24 -20.46
CA LEU A 598 -31.69 6.18 -19.77
C LEU A 598 -33.07 6.66 -19.34
N ALA A 599 -33.17 7.93 -18.99
CA ALA A 599 -34.41 8.55 -18.50
C ALA A 599 -35.51 8.67 -19.57
N GLU A 600 -35.12 8.59 -20.83
CA GLU A 600 -36.07 8.75 -21.93
C GLU A 600 -37.15 7.67 -21.90
N GLY A 601 -38.40 8.10 -21.93
CA GLY A 601 -39.56 7.20 -21.98
C GLY A 601 -39.99 6.65 -20.64
N LEU A 602 -39.55 7.28 -19.55
CA LEU A 602 -39.87 6.82 -18.20
C LEU A 602 -40.65 7.88 -17.42
N ASP A 603 -41.54 7.41 -16.57
CA ASP A 603 -42.36 8.30 -15.75
C ASP A 603 -41.57 8.76 -14.52
N ILE A 604 -41.04 9.97 -14.59
CA ILE A 604 -40.18 10.50 -13.53
C ILE A 604 -40.77 11.76 -12.90
N LYS A 605 -41.10 11.67 -11.60
CA LYS A 605 -41.57 12.83 -10.85
C LYS A 605 -40.38 13.55 -10.23
N LEU A 606 -39.95 14.65 -10.86
CA LEU A 606 -38.85 15.45 -10.32
C LEU A 606 -39.37 16.35 -9.19
N ASN A 607 -38.44 16.91 -8.41
CA ASN A 607 -38.79 17.79 -7.29
C ASN A 607 -39.75 17.13 -6.30
N THR A 608 -39.57 15.84 -6.10
CA THR A 608 -40.46 15.00 -5.30
C THR A 608 -39.63 14.28 -4.24
N ALA A 609 -39.64 14.82 -3.03
CA ALA A 609 -38.84 14.29 -1.94
C ALA A 609 -39.62 13.29 -1.12
N VAL A 610 -39.29 12.01 -1.26
CA VAL A 610 -39.86 10.97 -0.42
C VAL A 610 -39.61 11.28 1.06
N ARG A 611 -40.66 11.15 1.87
CA ARG A 611 -40.59 11.44 3.29
C ARG A 611 -40.82 10.19 4.12
N GLN A 612 -41.67 9.31 3.61
CA GLN A 612 -42.04 8.10 4.34
C GLN A 612 -42.29 6.91 3.41
N VAL A 613 -41.85 5.74 3.84
CA VAL A 613 -42.11 4.51 3.12
C VAL A 613 -42.89 3.55 4.00
N ARG A 614 -44.08 3.19 3.54
CA ARG A 614 -44.97 2.28 4.25
C ARG A 614 -45.11 1.00 3.44
N TYR A 615 -44.83 -0.12 4.08
CA TYR A 615 -44.89 -1.42 3.42
C TYR A 615 -45.62 -2.41 4.34
N THR A 616 -46.58 -3.13 3.75
CA THR A 616 -47.38 -4.11 4.47
C THR A 616 -47.62 -5.34 3.59
N ALA A 617 -48.19 -6.38 4.19
CA ALA A 617 -48.46 -7.63 3.51
C ALA A 617 -49.33 -7.49 2.26
N SER A 618 -50.13 -6.44 2.21
CA SER A 618 -51.04 -6.21 1.09
C SER A 618 -50.50 -5.25 0.03
N GLY A 619 -49.47 -4.49 0.40
CA GLY A 619 -48.86 -3.53 -0.53
C GLY A 619 -48.13 -2.39 0.15
N CYS A 620 -47.80 -1.37 -0.64
CA CYS A 620 -46.97 -0.27 -0.19
C CYS A 620 -47.55 1.09 -0.53
N GLU A 621 -47.40 2.04 0.38
CA GLU A 621 -47.59 3.45 0.05
C GLU A 621 -46.35 4.30 0.38
N VAL A 622 -46.00 5.16 -0.57
CA VAL A 622 -44.87 6.06 -0.43
C VAL A 622 -45.37 7.49 -0.36
N ILE A 623 -45.04 8.16 0.73
CA ILE A 623 -45.46 9.55 0.96
C ILE A 623 -44.32 10.51 0.67
N ALA A 624 -44.49 11.32 -0.38
CA ALA A 624 -43.52 12.32 -0.78
C ALA A 624 -44.12 13.73 -0.77
N VAL A 625 -43.27 14.74 -0.75
CA VAL A 625 -43.71 16.13 -0.86
C VAL A 625 -43.02 16.82 -2.03
N ASN A 626 -43.53 17.99 -2.41
CA ASN A 626 -42.89 18.83 -3.43
C ASN A 626 -41.79 19.69 -2.79
N THR A 627 -40.58 19.61 -3.35
CA THR A 627 -39.41 20.29 -2.75
C THR A 627 -39.54 21.81 -2.74
N ARG A 628 -40.32 22.35 -3.68
CA ARG A 628 -40.54 23.78 -3.78
C ARG A 628 -41.51 24.30 -2.72
N SER A 629 -42.71 23.71 -2.66
CA SER A 629 -43.65 23.98 -1.56
C SER A 629 -43.89 22.70 -0.76
N THR A 630 -43.24 22.61 0.39
CA THR A 630 -43.16 21.36 1.17
C THR A 630 -44.49 20.86 1.73
N SER A 631 -45.50 21.72 1.75
CA SER A 631 -46.82 21.37 2.29
C SER A 631 -47.65 20.53 1.32
N GLN A 632 -47.38 20.68 0.02
CA GLN A 632 -48.07 19.91 -1.01
C GLN A 632 -47.63 18.44 -0.99
N THR A 633 -48.53 17.56 -0.54
CA THR A 633 -48.22 16.17 -0.27
C THR A 633 -48.72 15.22 -1.37
N PHE A 634 -47.97 14.15 -1.60
CA PHE A 634 -48.32 13.12 -2.58
C PHE A 634 -48.31 11.73 -1.95
N ILE A 635 -49.21 10.88 -2.42
CA ILE A 635 -49.29 9.49 -1.96
C ILE A 635 -49.19 8.57 -3.18
N TYR A 636 -48.33 7.56 -3.07
CA TYR A 636 -48.15 6.61 -4.15
C TYR A 636 -48.38 5.19 -3.65
N LYS A 637 -49.35 4.51 -4.26
CA LYS A 637 -49.68 3.13 -3.91
C LYS A 637 -49.03 2.21 -4.91
N CYS A 638 -48.37 1.17 -4.42
CA CYS A 638 -47.64 0.25 -5.29
C CYS A 638 -47.51 -1.14 -4.67
N ASP A 639 -47.21 -2.12 -5.52
CA ASP A 639 -46.96 -3.49 -5.09
C ASP A 639 -45.61 -3.62 -4.40
N ALA A 640 -44.62 -2.87 -4.90
CA ALA A 640 -43.24 -2.93 -4.40
C ALA A 640 -42.54 -1.59 -4.47
N VAL A 641 -41.64 -1.35 -3.52
CA VAL A 641 -40.79 -0.16 -3.52
C VAL A 641 -39.32 -0.55 -3.72
N LEU A 642 -38.68 0.05 -4.71
CA LEU A 642 -37.23 -0.07 -4.87
C LEU A 642 -36.55 1.18 -4.34
N CYS A 643 -35.86 1.03 -3.22
CA CYS A 643 -35.12 2.13 -2.60
C CYS A 643 -33.70 2.24 -3.15
N THR A 644 -33.38 3.35 -3.80
CA THR A 644 -32.00 3.60 -4.25
C THR A 644 -31.40 4.85 -3.57
N LEU A 645 -31.91 5.17 -2.38
CA LEU A 645 -31.39 6.25 -1.57
C LEU A 645 -29.93 5.99 -1.25
N PRO A 646 -29.06 7.02 -1.39
CA PRO A 646 -27.66 6.90 -1.03
C PRO A 646 -27.49 6.49 0.42
N LEU A 647 -26.38 5.82 0.72
CA LEU A 647 -26.08 5.38 2.07
C LEU A 647 -26.02 6.57 3.04
N GLY A 648 -25.54 7.72 2.54
CA GLY A 648 -25.52 8.95 3.32
C GLY A 648 -26.90 9.36 3.80
N VAL A 649 -27.87 9.32 2.88
CA VAL A 649 -29.28 9.56 3.22
C VAL A 649 -29.77 8.54 4.25
N LEU A 650 -29.57 7.26 3.97
CA LEU A 650 -30.03 6.18 4.86
C LEU A 650 -29.44 6.30 6.27
N LYS A 651 -28.30 6.99 6.37
CA LYS A 651 -27.59 7.16 7.63
C LYS A 651 -28.15 8.29 8.48
N GLN A 652 -28.84 9.23 7.86
CA GLN A 652 -29.30 10.46 8.52
C GLN A 652 -29.91 10.22 9.89
N GLN A 653 -29.50 11.04 10.85
CA GLN A 653 -30.08 11.01 12.19
C GLN A 653 -30.26 12.45 12.69
N PRO A 654 -31.52 12.89 12.86
CA PRO A 654 -32.77 12.16 12.62
C PRO A 654 -33.01 11.85 11.14
N PRO A 655 -33.79 10.79 10.84
CA PRO A 655 -34.01 10.33 9.47
C PRO A 655 -34.65 11.39 8.57
N ALA A 656 -34.26 11.41 7.30
CA ALA A 656 -34.93 12.23 6.30
C ALA A 656 -36.05 11.43 5.66
N VAL A 657 -35.96 10.10 5.76
CA VAL A 657 -36.97 9.19 5.26
C VAL A 657 -37.31 8.19 6.36
N GLN A 658 -38.59 8.11 6.70
CA GLN A 658 -39.07 7.22 7.73
C GLN A 658 -39.63 5.94 7.12
N PHE A 659 -39.30 4.81 7.74
CA PHE A 659 -39.80 3.52 7.29
C PHE A 659 -40.85 2.99 8.27
N VAL A 660 -41.99 2.60 7.73
CA VAL A 660 -43.09 2.06 8.53
C VAL A 660 -43.49 0.69 7.98
N PRO A 661 -43.22 -0.39 8.75
CA PRO A 661 -42.56 -0.38 10.06
C PRO A 661 -41.06 -0.09 9.95
N PRO A 662 -40.38 0.22 11.07
CA PRO A 662 -38.96 0.56 10.99
C PRO A 662 -38.14 -0.60 10.41
N LEU A 663 -37.08 -0.26 9.67
CA LEU A 663 -36.18 -1.26 9.12
C LEU A 663 -35.60 -2.13 10.25
N PRO A 664 -35.45 -3.44 9.98
CA PRO A 664 -34.94 -4.36 11.01
C PRO A 664 -33.51 -4.05 11.42
N GLU A 665 -33.18 -4.41 12.66
CA GLU A 665 -31.86 -4.18 13.25
C GLU A 665 -30.71 -4.65 12.35
N TRP A 666 -30.88 -5.79 11.69
CA TRP A 666 -29.81 -6.30 10.82
C TRP A 666 -29.54 -5.39 9.65
N LYS A 667 -30.56 -4.69 9.17
CA LYS A 667 -30.40 -3.72 8.11
C LYS A 667 -29.77 -2.41 8.61
N THR A 668 -30.25 -1.91 9.76
CA THR A 668 -29.80 -0.61 10.27
C THR A 668 -28.36 -0.66 10.79
N SER A 669 -27.97 -1.81 11.35
CA SER A 669 -26.60 -2.02 11.81
C SER A 669 -25.62 -2.04 10.64
N ALA A 670 -26.04 -2.63 9.52
CA ALA A 670 -25.27 -2.57 8.29
C ALA A 670 -25.10 -1.13 7.83
N VAL A 671 -26.16 -0.33 7.95
CA VAL A 671 -26.12 1.09 7.58
C VAL A 671 -25.12 1.86 8.44
N GLN A 672 -25.20 1.66 9.76
CA GLN A 672 -24.28 2.31 10.70
C GLN A 672 -22.82 1.90 10.49
N ARG A 673 -22.60 0.60 10.29
CA ARG A 673 -21.25 0.04 10.11
C ARG A 673 -20.55 0.53 8.85
N MET A 674 -21.24 0.45 7.73
CA MET A 674 -20.68 0.86 6.44
C MET A 674 -20.21 2.30 6.46
N GLY A 675 -19.18 2.58 5.68
CA GLY A 675 -18.65 3.94 5.60
C GLY A 675 -19.22 4.67 4.41
N PHE A 676 -19.49 5.96 4.59
CA PHE A 676 -19.89 6.81 3.47
C PHE A 676 -19.00 8.03 3.41
N GLY A 677 -18.08 8.01 2.45
CA GLY A 677 -17.04 9.02 2.37
C GLY A 677 -17.39 10.26 1.57
N ASN A 678 -16.36 11.06 1.31
CA ASN A 678 -16.51 12.38 0.75
C ASN A 678 -15.25 12.80 -0.01
N LEU A 679 -15.44 13.27 -1.24
CA LEU A 679 -14.40 13.97 -1.98
C LEU A 679 -15.04 15.04 -2.85
N ASN A 680 -14.35 16.16 -3.00
CA ASN A 680 -14.92 17.29 -3.73
C ASN A 680 -14.08 17.77 -4.92
N LYS A 681 -14.71 18.54 -5.80
CA LYS A 681 -14.06 19.06 -7.00
C LYS A 681 -14.15 20.58 -7.10
N VAL A 682 -13.13 21.18 -7.69
CA VAL A 682 -13.14 22.60 -8.02
C VAL A 682 -12.96 22.73 -9.53
N VAL A 683 -14.00 23.21 -10.21
CA VAL A 683 -13.94 23.39 -11.66
C VAL A 683 -13.46 24.79 -11.98
N LEU A 684 -12.35 24.87 -12.72
CA LEU A 684 -11.73 26.13 -13.10
C LEU A 684 -11.75 26.31 -14.61
N CYS A 685 -12.49 27.31 -15.07
CA CYS A 685 -12.65 27.57 -16.50
C CYS A 685 -11.88 28.82 -16.94
N PHE A 686 -10.88 28.62 -17.78
CA PHE A 686 -10.04 29.71 -18.27
C PHE A 686 -10.28 30.00 -19.74
N ASP A 687 -9.75 31.13 -20.20
CA ASP A 687 -9.81 31.53 -21.61
C ASP A 687 -8.70 30.89 -22.45
N ARG A 688 -7.64 30.42 -21.77
CA ARG A 688 -6.47 29.86 -22.46
C ARG A 688 -5.79 28.75 -21.67
N VAL A 689 -5.20 27.80 -22.38
CA VAL A 689 -4.43 26.71 -21.79
C VAL A 689 -3.02 27.19 -21.41
N PHE A 690 -2.73 27.24 -20.11
CA PHE A 690 -1.42 27.65 -19.62
C PHE A 690 -0.61 26.49 -19.02
N TRP A 691 -1.16 25.29 -19.13
CA TRP A 691 -0.52 24.08 -18.61
C TRP A 691 -0.05 23.22 -19.74
N ASP A 692 0.62 22.11 -19.40
CA ASP A 692 1.08 21.16 -20.40
C ASP A 692 -0.11 20.42 -21.00
N PRO A 693 -0.38 20.63 -22.30
CA PRO A 693 -1.52 20.04 -22.99
C PRO A 693 -1.47 18.51 -23.07
N SER A 694 -0.27 17.95 -23.04
CA SER A 694 -0.08 16.50 -23.13
C SER A 694 -0.10 15.81 -21.76
N VAL A 695 -0.22 16.61 -20.70
CA VAL A 695 -0.30 16.08 -19.34
C VAL A 695 -1.74 16.13 -18.83
N ASN A 696 -2.29 14.96 -18.54
CA ASN A 696 -3.68 14.83 -18.08
C ASN A 696 -3.87 15.19 -16.61
N LEU A 697 -2.94 14.76 -15.76
CA LEU A 697 -3.01 15.05 -14.33
C LEU A 697 -1.66 15.38 -13.72
N PHE A 698 -1.64 16.40 -12.87
CA PHE A 698 -0.44 16.75 -12.12
C PHE A 698 -0.76 17.02 -10.66
N GLY A 699 0.16 16.66 -9.78
CA GLY A 699 -0.03 16.79 -8.35
C GLY A 699 0.56 18.04 -7.72
N HIS A 700 0.04 18.40 -6.56
CA HIS A 700 0.61 19.45 -5.71
C HIS A 700 0.82 18.87 -4.35
N VAL A 701 2.04 19.00 -3.84
CA VAL A 701 2.39 18.44 -2.53
C VAL A 701 2.13 19.46 -1.44
N GLY A 702 1.25 19.08 -0.50
CA GLY A 702 0.87 19.96 0.62
C GLY A 702 2.00 20.15 1.62
N SER A 703 1.87 21.17 2.46
CA SER A 703 2.87 21.48 3.48
C SER A 703 2.85 20.49 4.63
N THR A 704 1.65 20.12 5.09
CA THR A 704 1.52 19.26 6.26
C THR A 704 0.72 18.01 5.94
N THR A 705 0.81 17.02 6.85
CA THR A 705 -0.01 15.83 6.80
C THR A 705 -1.50 16.23 6.84
N ALA A 706 -1.83 17.11 7.78
CA ALA A 706 -3.20 17.59 7.98
C ALA A 706 -3.88 18.07 6.70
N SER A 707 -3.12 18.72 5.82
CA SER A 707 -3.68 19.31 4.62
C SER A 707 -3.25 18.60 3.34
N ARG A 708 -2.88 17.32 3.46
CA ARG A 708 -2.37 16.59 2.30
C ARG A 708 -3.39 16.44 1.18
N GLY A 709 -4.67 16.37 1.55
CA GLY A 709 -5.76 16.23 0.58
C GLY A 709 -6.17 17.53 -0.09
N GLU A 710 -5.79 18.66 0.51
CA GLU A 710 -6.22 19.98 0.05
C GLU A 710 -5.64 20.35 -1.30
N LEU A 711 -6.49 20.30 -2.33
CA LEU A 711 -6.14 20.69 -3.69
C LEU A 711 -4.85 20.02 -4.17
N PHE A 712 -4.76 18.72 -3.91
CA PHE A 712 -3.54 17.96 -4.13
C PHE A 712 -3.39 17.46 -5.56
N LEU A 713 -4.47 17.51 -6.34
CA LEU A 713 -4.44 16.95 -7.69
C LEU A 713 -5.24 17.81 -8.67
N PHE A 714 -4.75 17.90 -9.90
CA PHE A 714 -5.39 18.70 -10.94
C PHE A 714 -5.62 17.87 -12.20
N TRP A 715 -6.78 18.05 -12.83
CA TRP A 715 -7.13 17.30 -14.05
C TRP A 715 -7.30 18.18 -15.25
N ASN A 716 -6.61 17.82 -16.32
CA ASN A 716 -6.80 18.40 -17.65
C ASN A 716 -7.31 17.27 -18.54
N LEU A 717 -8.59 17.34 -18.91
CA LEU A 717 -9.22 16.24 -19.64
C LEU A 717 -10.07 16.70 -20.81
N TYR A 718 -10.56 17.93 -20.73
CA TYR A 718 -11.56 18.40 -21.68
C TYR A 718 -10.96 19.20 -22.84
N LYS A 719 -11.72 19.27 -23.94
CA LYS A 719 -11.34 20.03 -25.13
C LYS A 719 -11.11 21.49 -24.79
N ALA A 720 -12.06 22.08 -24.06
CA ALA A 720 -11.97 23.45 -23.58
C ALA A 720 -10.90 23.57 -22.49
N PRO A 721 -10.36 24.79 -22.28
CA PRO A 721 -9.41 25.02 -21.20
C PRO A 721 -10.04 24.95 -19.82
N ILE A 722 -10.20 23.74 -19.31
CA ILE A 722 -10.78 23.52 -17.97
C ILE A 722 -9.80 22.72 -17.11
N LEU A 723 -9.45 23.28 -15.95
CA LEU A 723 -8.71 22.54 -14.95
C LEU A 723 -9.61 22.16 -13.78
N LEU A 724 -9.34 21.00 -13.21
CA LEU A 724 -10.21 20.40 -12.22
C LEU A 724 -9.40 20.04 -10.99
N ALA A 725 -9.70 20.67 -9.85
CA ALA A 725 -8.92 20.48 -8.63
C ALA A 725 -9.64 19.61 -7.62
N LEU A 726 -8.91 18.64 -7.05
CA LEU A 726 -9.50 17.67 -6.12
C LEU A 726 -9.23 17.99 -4.66
N VAL A 727 -10.24 17.79 -3.83
CA VAL A 727 -10.10 17.93 -2.38
C VAL A 727 -10.45 16.60 -1.70
N ALA A 728 -9.45 15.95 -1.10
CA ALA A 728 -9.63 14.61 -0.56
C ALA A 728 -9.36 14.53 0.93
N GLY A 729 -9.45 13.31 1.48
CA GLY A 729 -9.12 13.04 2.87
C GLY A 729 -9.85 13.90 3.88
N GLU A 730 -9.15 14.28 4.94
CA GLU A 730 -9.71 15.11 6.00
C GLU A 730 -10.04 16.52 5.50
N ALA A 731 -9.38 16.92 4.42
CA ALA A 731 -9.55 18.25 3.84
C ALA A 731 -10.95 18.47 3.28
N ALA A 732 -11.47 17.46 2.59
CA ALA A 732 -12.79 17.52 1.93
C ALA A 732 -13.88 18.07 2.84
N GLY A 733 -14.02 17.48 4.02
CA GLY A 733 -15.04 17.88 4.99
C GLY A 733 -14.88 19.30 5.50
N ILE A 734 -13.63 19.75 5.63
CA ILE A 734 -13.32 21.07 6.15
C ILE A 734 -13.47 22.15 5.08
N MET A 735 -13.08 21.83 3.86
CA MET A 735 -13.12 22.79 2.76
C MET A 735 -14.55 23.18 2.35
N GLU A 736 -15.53 22.42 2.81
CA GLU A 736 -16.93 22.71 2.54
C GLU A 736 -17.43 23.92 3.33
N ASN A 737 -16.79 24.17 4.48
CA ASN A 737 -17.08 25.34 5.30
C ASN A 737 -16.32 26.60 4.90
N ILE A 738 -15.71 26.57 3.72
CA ILE A 738 -14.96 27.69 3.19
C ILE A 738 -15.58 28.13 1.87
N SER A 739 -15.72 29.44 1.68
CA SER A 739 -16.37 30.01 0.51
C SER A 739 -15.63 29.71 -0.79
N ASP A 740 -16.34 29.79 -1.91
CA ASP A 740 -15.80 29.50 -3.24
C ASP A 740 -14.62 30.41 -3.58
N ASP A 741 -14.75 31.69 -3.23
CA ASP A 741 -13.73 32.69 -3.55
C ASP A 741 -12.37 32.35 -2.92
N VAL A 742 -12.39 31.95 -1.65
CA VAL A 742 -11.18 31.54 -0.93
C VAL A 742 -10.61 30.25 -1.51
N ILE A 743 -11.48 29.30 -1.83
CA ILE A 743 -11.06 28.02 -2.42
C ILE A 743 -10.39 28.26 -3.78
N VAL A 744 -11.06 29.03 -4.64
CA VAL A 744 -10.51 29.39 -5.94
C VAL A 744 -9.21 30.20 -5.77
N GLY A 745 -9.18 31.05 -4.75
CA GLY A 745 -7.97 31.79 -4.39
C GLY A 745 -6.79 30.86 -4.19
N ARG A 746 -6.94 29.92 -3.25
CA ARG A 746 -5.91 28.91 -2.96
C ARG A 746 -5.51 28.10 -4.20
N CYS A 747 -6.48 27.87 -5.09
CA CYS A 747 -6.23 27.17 -6.35
C CYS A 747 -5.29 27.95 -7.26
N LEU A 748 -5.56 29.23 -7.41
CA LEU A 748 -4.75 30.11 -8.25
C LEU A 748 -3.34 30.24 -7.68
N ALA A 749 -3.24 30.45 -6.38
CA ALA A 749 -1.95 30.50 -5.68
C ALA A 749 -1.06 29.32 -6.08
N ILE A 750 -1.58 28.11 -5.93
CA ILE A 750 -0.86 26.89 -6.27
C ILE A 750 -0.40 26.88 -7.73
N LEU A 751 -1.33 27.22 -8.64
CA LEU A 751 -1.06 27.22 -10.08
C LEU A 751 -0.03 28.29 -10.48
N LYS A 752 -0.09 29.45 -9.81
CA LYS A 752 0.89 30.51 -9.99
C LYS A 752 2.30 30.02 -9.67
N GLY A 753 2.42 29.31 -8.55
CA GLY A 753 3.68 28.74 -8.10
C GLY A 753 4.28 27.72 -9.07
N ILE A 754 3.44 27.09 -9.87
CA ILE A 754 3.88 26.05 -10.78
C ILE A 754 4.14 26.55 -12.21
N PHE A 755 3.31 27.47 -12.69
CA PHE A 755 3.37 27.89 -14.08
C PHE A 755 3.83 29.35 -14.29
N GLY A 756 3.90 30.11 -13.21
CA GLY A 756 4.31 31.51 -13.28
C GLY A 756 3.21 32.45 -12.83
N SER A 757 3.58 33.39 -11.96
CA SER A 757 2.64 34.32 -11.33
C SER A 757 1.87 35.21 -12.32
N SER A 758 2.33 35.25 -13.57
CA SER A 758 1.69 36.04 -14.62
C SER A 758 1.15 35.20 -15.77
N ALA A 759 1.33 33.88 -15.68
CA ALA A 759 0.82 32.96 -16.69
C ALA A 759 -0.57 32.42 -16.33
N VAL A 760 -0.99 32.67 -15.09
CA VAL A 760 -2.29 32.18 -14.59
C VAL A 760 -3.31 33.32 -14.49
N PRO A 761 -4.24 33.40 -15.46
CA PRO A 761 -5.24 34.47 -15.46
C PRO A 761 -6.38 34.18 -14.48
N GLN A 762 -7.25 35.17 -14.28
CA GLN A 762 -8.46 34.97 -13.50
C GLN A 762 -9.41 34.03 -14.24
N PRO A 763 -9.98 33.06 -13.50
CA PRO A 763 -10.93 32.11 -14.10
C PRO A 763 -12.25 32.77 -14.47
N LYS A 764 -12.78 32.44 -15.65
CA LYS A 764 -14.02 33.01 -16.14
C LYS A 764 -15.25 32.42 -15.44
N GLU A 765 -15.23 31.10 -15.20
CA GLU A 765 -16.30 30.41 -14.48
C GLU A 765 -15.73 29.44 -13.45
N THR A 766 -16.33 29.42 -12.26
CA THR A 766 -15.91 28.48 -11.20
C THR A 766 -17.07 27.79 -10.49
N VAL A 767 -16.91 26.49 -10.25
CA VAL A 767 -17.87 25.70 -9.46
C VAL A 767 -17.11 24.88 -8.42
N VAL A 768 -17.63 24.84 -7.21
CA VAL A 768 -17.10 23.99 -6.15
C VAL A 768 -18.19 23.07 -5.62
N SER A 769 -17.95 21.76 -5.65
CA SER A 769 -18.90 20.78 -5.14
C SER A 769 -18.87 20.70 -3.62
N ARG A 770 -20.01 20.39 -3.03
CA ARG A 770 -20.12 20.11 -1.58
C ARG A 770 -21.01 18.89 -1.33
N TRP A 771 -20.44 17.71 -1.52
CA TRP A 771 -21.19 16.46 -1.48
C TRP A 771 -21.65 16.02 -0.13
N ARG A 772 -20.91 16.36 0.92
CA ARG A 772 -21.35 16.03 2.28
C ARG A 772 -22.53 16.91 2.67
N ALA A 773 -22.52 18.17 2.21
CA ALA A 773 -23.58 19.13 2.51
C ALA A 773 -24.87 18.82 1.76
N ASP A 774 -24.74 18.34 0.53
CA ASP A 774 -25.87 18.00 -0.32
C ASP A 774 -26.84 17.05 0.38
N PRO A 775 -28.07 17.50 0.66
CA PRO A 775 -29.04 16.69 1.40
C PRO A 775 -29.52 15.43 0.68
N TRP A 776 -29.32 15.37 -0.64
CA TRP A 776 -29.72 14.21 -1.45
C TRP A 776 -28.58 13.26 -1.71
N ALA A 777 -27.49 13.45 -0.96
CA ALA A 777 -26.30 12.61 -1.05
C ALA A 777 -25.73 12.37 0.34
N ARG A 778 -25.42 13.46 1.05
CA ARG A 778 -24.83 13.40 2.39
C ARG A 778 -23.46 12.71 2.38
N GLY A 779 -22.74 12.89 1.27
CA GLY A 779 -21.44 12.27 1.03
C GLY A 779 -21.23 12.01 -0.46
N SER A 780 -20.13 11.34 -0.80
CA SER A 780 -19.79 11.09 -2.20
C SER A 780 -20.05 9.64 -2.62
N TYR A 781 -19.45 8.68 -1.92
CA TYR A 781 -19.72 7.26 -2.14
C TYR A 781 -19.19 6.41 -0.99
N SER A 782 -19.65 5.16 -0.93
CA SER A 782 -19.34 4.30 0.22
C SER A 782 -17.91 3.78 0.20
N TYR A 783 -17.43 3.38 1.37
CA TYR A 783 -16.13 2.74 1.54
C TYR A 783 -16.23 1.68 2.61
N VAL A 784 -15.32 0.71 2.61
CA VAL A 784 -15.36 -0.37 3.60
C VAL A 784 -14.72 0.13 4.90
N ALA A 785 -15.56 0.60 5.81
CA ALA A 785 -15.10 1.14 7.08
C ALA A 785 -14.50 0.06 7.97
N ALA A 786 -13.60 0.47 8.87
CA ALA A 786 -13.10 -0.42 9.90
C ALA A 786 -14.28 -0.91 10.74
N GLY A 787 -14.38 -2.22 10.90
CA GLY A 787 -15.51 -2.84 11.60
C GLY A 787 -16.55 -3.38 10.64
N SER A 788 -16.47 -2.95 9.39
CA SER A 788 -17.36 -3.43 8.33
C SER A 788 -16.65 -4.49 7.51
N SER A 789 -17.34 -5.05 6.52
CA SER A 789 -16.77 -5.98 5.56
C SER A 789 -17.61 -5.97 4.29
N GLY A 790 -17.20 -6.75 3.30
CA GLY A 790 -17.94 -6.84 2.04
C GLY A 790 -19.30 -7.48 2.23
N ASN A 791 -19.47 -8.16 3.35
CA ASN A 791 -20.73 -8.82 3.67
C ASN A 791 -21.86 -7.82 3.97
N ASP A 792 -21.49 -6.64 4.47
CA ASP A 792 -22.46 -5.58 4.75
C ASP A 792 -23.15 -5.10 3.49
N TYR A 793 -22.41 -5.09 2.38
CA TYR A 793 -22.96 -4.76 1.07
C TYR A 793 -24.04 -5.76 0.67
N ASP A 794 -23.84 -7.04 1.00
CA ASP A 794 -24.84 -8.07 0.75
C ASP A 794 -26.08 -7.84 1.60
N LEU A 795 -25.88 -7.51 2.88
CA LEU A 795 -26.97 -7.19 3.77
C LEU A 795 -27.79 -6.02 3.23
N MET A 796 -27.12 -4.98 2.74
CA MET A 796 -27.80 -3.83 2.13
C MET A 796 -28.70 -4.24 0.98
N ALA A 797 -28.28 -5.24 0.21
CA ALA A 797 -29.02 -5.67 -0.98
C ALA A 797 -30.24 -6.52 -0.65
N GLN A 798 -30.29 -7.07 0.56
CA GLN A 798 -31.38 -7.94 0.98
C GLN A 798 -32.71 -7.22 1.06
N PRO A 799 -33.74 -7.74 0.36
CA PRO A 799 -35.07 -7.15 0.41
C PRO A 799 -35.74 -7.36 1.77
N ILE A 800 -36.76 -6.56 2.07
CA ILE A 800 -37.50 -6.66 3.33
C ILE A 800 -38.89 -7.24 3.10
N THR A 801 -39.25 -8.22 3.92
CA THR A 801 -40.57 -8.82 3.89
C THR A 801 -41.34 -8.40 5.14
N PRO A 802 -42.51 -7.75 4.95
CA PRO A 802 -43.33 -7.30 6.08
C PRO A 802 -43.94 -8.47 6.84
N GLY A 803 -44.34 -8.23 8.09
CA GLY A 803 -45.14 -9.21 8.85
C GLY A 803 -46.52 -9.37 8.24
N PRO A 804 -47.26 -10.44 8.64
CA PRO A 804 -48.60 -10.61 8.10
C PRO A 804 -49.58 -9.60 8.71
N SER A 805 -50.58 -9.19 7.93
CA SER A 805 -51.63 -8.29 8.41
C SER A 805 -52.50 -9.00 9.45
N ILE A 806 -53.26 -9.99 9.01
CA ILE A 806 -54.01 -10.87 9.91
C ILE A 806 -53.00 -11.86 10.52
N PRO A 807 -53.00 -11.99 11.86
CA PRO A 807 -52.12 -12.99 12.49
C PRO A 807 -52.49 -14.41 12.07
N GLY A 808 -51.47 -15.21 11.75
CA GLY A 808 -51.68 -16.57 11.27
C GLY A 808 -51.88 -16.69 9.76
N ALA A 809 -51.80 -15.56 9.06
CA ALA A 809 -51.88 -15.55 7.60
C ALA A 809 -50.52 -15.93 7.02
N PRO A 810 -50.50 -16.57 5.82
CA PRO A 810 -49.26 -17.08 5.24
C PRO A 810 -48.16 -16.03 5.07
N GLN A 811 -46.91 -16.50 5.04
CA GLN A 811 -45.73 -15.67 4.82
C GLN A 811 -45.88 -14.75 3.61
N PRO A 812 -45.82 -13.42 3.83
CA PRO A 812 -45.99 -12.46 2.75
C PRO A 812 -44.85 -12.45 1.73
N ILE A 813 -45.15 -11.87 0.58
CA ILE A 813 -44.20 -11.53 -0.46
C ILE A 813 -43.25 -10.44 0.07
N PRO A 814 -41.97 -10.45 -0.38
CA PRO A 814 -41.09 -9.31 -0.10
C PRO A 814 -41.58 -8.03 -0.81
N ARG A 815 -41.50 -6.90 -0.11
CA ARG A 815 -42.10 -5.66 -0.59
C ARG A 815 -41.11 -4.52 -0.84
N LEU A 816 -40.07 -4.45 0.01
CA LEU A 816 -39.09 -3.36 -0.04
C LEU A 816 -37.72 -3.85 -0.51
N PHE A 817 -37.32 -3.37 -1.69
CA PHE A 817 -36.07 -3.80 -2.33
C PHE A 817 -35.05 -2.66 -2.37
N PHE A 818 -33.76 -3.02 -2.37
CA PHE A 818 -32.68 -2.03 -2.31
C PHE A 818 -31.67 -2.17 -3.44
N ALA A 819 -31.37 -1.04 -4.07
CA ALA A 819 -30.33 -1.00 -5.09
C ALA A 819 -29.42 0.21 -4.87
N GLY A 820 -28.40 0.33 -5.70
CA GLY A 820 -27.47 1.44 -5.60
C GLY A 820 -26.05 1.06 -5.26
N GLU A 821 -25.15 1.98 -5.61
CA GLU A 821 -23.72 1.93 -5.30
C GLU A 821 -23.34 1.13 -4.05
N HIS A 822 -24.01 1.40 -2.93
CA HIS A 822 -23.70 0.77 -1.65
C HIS A 822 -24.30 -0.61 -1.45
N THR A 823 -24.85 -1.19 -2.52
CA THR A 823 -25.53 -2.49 -2.41
C THR A 823 -24.84 -3.62 -3.18
N ILE A 824 -23.83 -3.28 -3.98
CA ILE A 824 -23.14 -4.25 -4.82
C ILE A 824 -21.70 -4.50 -4.34
N ARG A 825 -21.53 -5.62 -3.64
CA ARG A 825 -20.27 -6.04 -3.00
C ARG A 825 -19.02 -5.95 -3.89
N ASN A 826 -19.13 -6.43 -5.13
CA ASN A 826 -17.97 -6.53 -6.02
C ASN A 826 -17.64 -5.27 -6.83
N TYR A 827 -18.57 -4.32 -6.89
CA TYR A 827 -18.34 -3.08 -7.62
C TYR A 827 -18.87 -1.83 -6.90
N PRO A 828 -18.62 -1.72 -5.58
CA PRO A 828 -19.17 -0.58 -4.86
C PRO A 828 -18.54 0.73 -5.32
N ALA A 829 -19.19 1.83 -4.99
CA ALA A 829 -18.66 3.18 -5.22
C ALA A 829 -18.36 3.50 -6.68
N THR A 830 -19.12 2.91 -7.60
CA THR A 830 -18.92 3.15 -9.03
C THR A 830 -20.26 3.36 -9.76
N VAL A 831 -20.20 3.80 -11.01
CA VAL A 831 -21.38 3.91 -11.85
C VAL A 831 -21.83 2.52 -12.31
N HIS A 832 -20.88 1.74 -12.82
CA HIS A 832 -21.19 0.39 -13.29
C HIS A 832 -21.76 -0.45 -12.19
N GLY A 833 -21.31 -0.21 -10.96
CA GLY A 833 -21.86 -0.90 -9.79
C GLY A 833 -23.31 -0.54 -9.56
N ALA A 834 -23.61 0.76 -9.62
CA ALA A 834 -24.98 1.24 -9.49
C ALA A 834 -25.86 0.63 -10.58
N LEU A 835 -25.45 0.85 -11.82
CA LEU A 835 -26.09 0.26 -13.00
C LEU A 835 -26.41 -1.21 -12.77
N LEU A 836 -25.40 -2.00 -12.40
CA LEU A 836 -25.57 -3.43 -12.22
C LEU A 836 -26.54 -3.80 -11.10
N SER A 837 -26.54 -3.01 -10.03
CA SER A 837 -27.44 -3.28 -8.89
C SER A 837 -28.89 -3.04 -9.29
N GLY A 838 -29.10 -2.00 -10.09
CA GLY A 838 -30.40 -1.73 -10.70
C GLY A 838 -30.89 -2.95 -11.47
N LEU A 839 -30.07 -3.42 -12.42
CA LEU A 839 -30.37 -4.60 -13.20
C LEU A 839 -30.68 -5.80 -12.31
N ARG A 840 -29.90 -5.97 -11.25
CA ARG A 840 -30.09 -7.06 -10.30
C ARG A 840 -31.49 -7.04 -9.69
N GLU A 841 -31.88 -5.90 -9.13
CA GLU A 841 -33.17 -5.76 -8.46
C GLU A 841 -34.36 -5.91 -9.41
N ALA A 842 -34.26 -5.29 -10.59
CA ALA A 842 -35.30 -5.40 -11.60
C ALA A 842 -35.58 -6.86 -11.95
N GLY A 843 -34.54 -7.66 -12.02
CA GLY A 843 -34.68 -9.09 -12.24
C GLY A 843 -35.32 -9.79 -11.06
N ARG A 844 -34.93 -9.39 -9.85
CA ARG A 844 -35.46 -10.00 -8.64
C ARG A 844 -36.94 -9.66 -8.43
N ILE A 845 -37.29 -8.41 -8.71
CA ILE A 845 -38.67 -7.92 -8.57
C ILE A 845 -39.57 -8.61 -9.61
N ALA A 846 -39.10 -8.67 -10.85
CA ALA A 846 -39.86 -9.31 -11.93
C ALA A 846 -40.08 -10.80 -11.65
N ASP A 847 -39.05 -11.47 -11.12
CA ASP A 847 -39.17 -12.86 -10.70
C ASP A 847 -40.27 -13.02 -9.65
N GLN A 848 -40.36 -12.04 -8.76
CA GLN A 848 -41.28 -12.07 -7.64
C GLN A 848 -42.73 -11.80 -8.06
N PHE A 849 -42.92 -10.86 -8.98
CA PHE A 849 -44.25 -10.36 -9.31
C PHE A 849 -44.77 -10.76 -10.69
N LEU A 850 -43.88 -11.23 -11.56
CA LEU A 850 -44.29 -11.77 -12.86
C LEU A 850 -44.01 -13.26 -12.96
N GLY A 851 -43.29 -13.80 -11.98
CA GLY A 851 -42.97 -15.21 -11.93
C GLY A 851 -41.86 -15.61 -12.91
N ALA A 852 -41.02 -16.54 -12.48
CA ALA A 852 -39.95 -17.07 -13.33
C ALA A 852 -40.44 -18.28 -14.11
N MET A 853 -40.63 -18.09 -15.41
CA MET A 853 -41.13 -19.15 -16.30
C MET A 853 -39.99 -20.04 -16.81
N TYR A 854 -38.75 -19.61 -16.57
CA TYR A 854 -37.55 -20.25 -17.10
C TYR A 854 -36.91 -21.29 -16.16
N THR A 855 -37.37 -21.33 -14.92
CA THR A 855 -36.80 -22.23 -13.90
C THR A 855 -37.27 -23.68 -14.01
N LEU A 856 -38.28 -23.93 -14.85
CA LEU A 856 -38.79 -25.28 -15.09
C LEU A 856 -37.85 -26.08 -15.99
N ARG B 308 4.06 -14.88 2.58
CA ARG B 308 5.04 -15.70 3.36
C ARG B 308 6.07 -14.84 4.07
N LYS B 309 6.57 -13.83 3.38
CA LYS B 309 7.61 -12.93 3.91
C LYS B 309 7.32 -11.46 3.57
N PRO B 310 7.78 -10.52 4.41
CA PRO B 310 7.61 -9.09 4.16
C PRO B 310 8.27 -8.65 2.85
N PRO B 311 7.90 -7.47 2.31
CA PRO B 311 8.58 -6.95 1.13
C PRO B 311 10.07 -6.70 1.39
N LYS B 312 10.85 -6.56 0.33
CA LYS B 312 12.27 -6.24 0.46
C LYS B 312 12.47 -4.78 0.85
N GLY B 313 13.37 -4.55 1.81
CA GLY B 313 13.59 -3.23 2.37
C GLY B 313 12.49 -2.83 3.32
N MET B 314 11.90 -3.84 3.96
CA MET B 314 10.78 -3.66 4.88
C MET B 314 10.96 -4.65 6.02
N PHE B 315 10.88 -4.16 7.25
CA PHE B 315 11.20 -4.97 8.42
C PHE B 315 10.06 -4.99 9.44
N LEU B 316 9.46 -6.16 9.60
CA LEU B 316 8.26 -6.33 10.43
C LEU B 316 8.25 -7.71 11.06
N SER B 317 8.49 -7.75 12.37
CA SER B 317 8.42 -9.01 13.10
C SER B 317 7.31 -8.94 14.15
N GLN B 318 6.71 -10.09 14.43
CA GLN B 318 5.64 -10.21 15.42
C GLN B 318 6.01 -9.54 16.75
N GLU B 319 7.23 -9.78 17.20
CA GLU B 319 7.76 -9.21 18.43
C GLU B 319 7.79 -7.68 18.41
N ASP B 320 8.22 -7.12 17.29
CA ASP B 320 8.35 -5.67 17.12
C ASP B 320 7.00 -4.97 17.05
N VAL B 321 6.03 -5.61 16.39
CA VAL B 321 4.68 -5.06 16.23
C VAL B 321 4.04 -4.84 17.60
N GLU B 322 4.09 -5.87 18.44
CA GLU B 322 3.51 -5.84 19.78
C GLU B 322 4.14 -4.78 20.68
N ALA B 323 5.44 -4.56 20.50
CA ALA B 323 6.20 -3.61 21.31
C ALA B 323 5.88 -2.15 20.98
N VAL B 324 5.57 -1.89 19.71
CA VAL B 324 5.28 -0.53 19.24
C VAL B 324 3.80 -0.18 19.41
N SER B 325 2.97 -1.21 19.54
CA SER B 325 1.53 -1.03 19.73
C SER B 325 1.06 -1.34 21.16
N ALA B 326 2.00 -1.34 22.10
CA ALA B 326 1.71 -1.66 23.50
C ALA B 326 0.80 -0.62 24.19
N ASN B 327 0.99 0.65 23.81
CA ASN B 327 0.13 1.74 24.31
C ASN B 327 0.09 2.94 23.35
N ALA B 328 -0.44 4.06 23.84
CA ALA B 328 -0.63 5.28 23.04
C ALA B 328 0.68 5.87 22.51
N THR B 329 1.72 5.87 23.35
CA THR B 329 3.03 6.42 22.98
C THR B 329 4.19 5.45 23.24
N ALA B 330 3.89 4.15 23.13
CA ALA B 330 4.93 3.11 23.19
C ALA B 330 5.84 3.23 21.97
N ALA B 331 5.29 3.76 20.88
CA ALA B 331 6.04 4.04 19.67
C ALA B 331 7.10 5.11 19.91
N THR B 332 6.72 6.21 20.54
CA THR B 332 7.63 7.33 20.81
C THR B 332 8.66 6.96 21.87
N THR B 333 8.27 6.12 22.82
CA THR B 333 9.16 5.65 23.88
C THR B 333 10.31 4.81 23.33
N VAL B 334 9.97 3.76 22.57
CA VAL B 334 10.97 2.87 21.97
C VAL B 334 11.94 3.65 21.07
N LEU B 335 11.41 4.56 20.26
CA LEU B 335 12.22 5.37 19.36
C LEU B 335 13.13 6.38 20.08
N ARG B 336 12.77 6.73 21.31
CA ARG B 336 13.60 7.62 22.14
C ARG B 336 14.70 6.88 22.87
N GLN B 337 14.38 5.68 23.39
CA GLN B 337 15.37 4.83 24.04
C GLN B 337 16.54 4.50 23.11
N LEU B 338 16.24 4.37 21.82
CA LEU B 338 17.27 4.13 20.81
C LEU B 338 17.95 5.43 20.40
N ASP B 339 17.22 6.55 20.47
CA ASP B 339 17.79 7.88 20.19
C ASP B 339 18.83 8.26 21.23
N MET B 340 18.56 7.90 22.49
CA MET B 340 19.50 8.15 23.58
C MET B 340 20.62 7.11 23.61
N GLU B 341 20.31 5.88 23.20
CA GLU B 341 21.32 4.83 23.04
C GLU B 341 22.36 5.18 21.99
N LEU B 342 21.91 5.85 20.93
CA LEU B 342 22.79 6.26 19.83
C LEU B 342 23.73 7.37 20.27
N VAL B 343 23.18 8.38 20.95
CA VAL B 343 23.97 9.50 21.47
C VAL B 343 24.99 9.00 22.49
N SER B 344 24.59 8.02 23.29
CA SER B 344 25.44 7.39 24.30
C SER B 344 26.65 6.71 23.66
N VAL B 345 26.41 5.90 22.63
CA VAL B 345 27.47 5.18 21.93
C VAL B 345 28.33 6.12 21.08
N LYS B 346 27.73 7.19 20.58
CA LYS B 346 28.45 8.14 19.73
C LYS B 346 29.50 8.93 20.52
N ARG B 347 29.16 9.33 21.74
CA ARG B 347 30.09 10.05 22.61
C ARG B 347 31.10 9.12 23.28
N GLN B 348 30.75 7.83 23.35
CA GLN B 348 31.67 6.80 23.83
C GLN B 348 32.75 6.55 22.79
N ILE B 349 32.39 6.73 21.52
CA ILE B 349 33.34 6.60 20.41
C ILE B 349 34.40 7.70 20.46
N GLN B 350 33.95 8.95 20.57
CA GLN B 350 34.88 10.09 20.61
C GLN B 350 35.79 10.04 21.83
N ASN B 351 35.30 9.41 22.90
CA ASN B 351 36.06 9.22 24.12
C ASN B 351 37.26 8.31 23.93
N ILE B 352 37.02 7.12 23.38
CA ILE B 352 38.07 6.15 23.11
C ILE B 352 38.96 6.59 21.93
N LYS B 353 38.36 7.34 21.01
CA LYS B 353 39.11 7.95 19.90
C LYS B 353 40.14 8.93 20.45
N GLN B 354 39.73 9.71 21.45
CA GLN B 354 40.60 10.67 22.14
C GLN B 354 41.69 9.95 22.94
N THR B 355 41.31 8.85 23.59
CA THR B 355 42.24 8.03 24.36
C THR B 355 43.32 7.41 23.46
N ASN B 356 42.89 6.85 22.33
CA ASN B 356 43.80 6.24 21.37
C ASN B 356 44.69 7.24 20.64
N SER B 357 44.20 8.47 20.48
CA SER B 357 44.98 9.55 19.88
C SER B 357 46.16 9.94 20.78
N ALA B 358 45.93 9.95 22.09
CA ALA B 358 46.96 10.25 23.07
C ALA B 358 47.98 9.12 23.20
N LEU B 359 47.50 7.88 23.10
CA LEU B 359 48.36 6.70 23.15
C LEU B 359 49.25 6.57 21.92
N LYS B 360 48.74 7.02 20.77
CA LYS B 360 49.49 7.01 19.52
C LYS B 360 50.64 8.03 19.54
N GLU B 361 50.42 9.15 20.22
CA GLU B 361 51.43 10.21 20.29
C GLU B 361 52.58 9.82 21.22
N LYS B 362 52.31 8.94 22.18
CA LYS B 362 53.34 8.42 23.08
C LYS B 362 54.19 7.35 22.39
N LEU B 363 53.68 6.80 21.30
CA LEU B 363 54.43 5.83 20.49
C LEU B 363 55.17 6.50 19.33
N ASP B 364 55.24 7.83 19.36
CA ASP B 364 55.86 8.58 18.27
C ASP B 364 57.35 8.29 18.14
N GLY B 365 57.78 7.98 16.93
CA GLY B 365 59.16 7.60 16.65
C GLY B 365 59.33 6.11 16.47
N GLY B 366 58.37 5.34 16.98
CA GLY B 366 58.44 3.88 16.96
C GLY B 366 59.54 3.35 17.85
N ILE B 367 60.14 2.23 17.46
CA ILE B 367 61.28 1.68 18.18
C ILE B 367 62.57 1.78 17.36
N GLU B 368 62.69 2.87 16.59
CA GLU B 368 63.82 3.05 15.68
C GLU B 368 65.18 3.26 16.36
N PRO B 369 65.23 4.12 17.40
CA PRO B 369 66.52 4.34 18.07
C PRO B 369 66.93 3.16 18.96
N TYR B 370 66.15 2.08 18.92
CA TYR B 370 66.37 0.93 19.78
C TYR B 370 66.58 -0.37 19.00
N ARG B 371 66.66 -0.25 17.67
CA ARG B 371 66.92 -1.39 16.82
C ARG B 371 68.41 -1.68 16.69
N LEU B 372 68.74 -2.97 16.66
CA LEU B 372 70.11 -3.41 16.51
C LEU B 372 70.33 -3.93 15.10
N PRO B 373 71.46 -3.55 14.47
CA PRO B 373 71.81 -4.06 13.13
C PRO B 373 71.85 -5.60 13.09
N GLU B 374 71.65 -6.14 11.90
CA GLU B 374 71.57 -7.58 11.69
C GLU B 374 72.95 -8.26 11.75
N VAL B 375 73.11 -9.19 12.69
CA VAL B 375 74.33 -10.00 12.79
C VAL B 375 74.20 -11.21 11.87
N ILE B 376 74.96 -11.21 10.79
CA ILE B 376 74.92 -12.28 9.80
C ILE B 376 76.18 -13.15 9.89
N GLN B 377 76.07 -14.25 10.63
CA GLN B 377 77.19 -15.18 10.80
C GLN B 377 76.83 -16.59 10.36
N LYS B 378 77.80 -17.27 9.73
CA LYS B 378 77.60 -18.61 9.19
C LYS B 378 77.70 -19.68 10.26
N CYS B 379 76.85 -20.69 10.15
CA CYS B 379 76.73 -21.77 11.13
C CYS B 379 77.97 -22.67 11.12
N ASN B 380 78.54 -22.89 12.30
CA ASN B 380 79.75 -23.70 12.45
C ASN B 380 79.48 -24.99 13.23
N ALA B 381 80.24 -26.04 12.90
CA ALA B 381 80.05 -27.35 13.50
C ALA B 381 80.81 -27.54 14.82
N ARG B 382 82.04 -27.01 14.88
CA ARG B 382 82.90 -27.18 16.05
C ARG B 382 82.51 -26.27 17.21
N TRP B 383 82.60 -26.81 18.43
CA TRP B 383 82.31 -26.08 19.66
C TRP B 383 83.56 -25.54 20.29
N THR B 384 83.76 -24.23 20.22
CA THR B 384 84.83 -23.59 20.95
C THR B 384 84.45 -23.60 22.44
N THR B 385 85.46 -23.69 23.30
CA THR B 385 85.26 -23.63 24.75
C THR B 385 84.35 -22.45 25.12
N GLU B 386 84.59 -21.31 24.47
CA GLU B 386 83.77 -20.11 24.63
C GLU B 386 82.28 -20.42 24.42
N GLU B 387 81.98 -21.04 23.28
CA GLU B 387 80.60 -21.36 22.91
C GLU B 387 79.95 -22.36 23.86
N GLN B 388 80.75 -23.30 24.35
CA GLN B 388 80.28 -24.28 25.33
C GLN B 388 79.84 -23.59 26.62
N LEU B 389 80.59 -22.57 27.02
CA LEU B 389 80.31 -21.80 28.24
C LEU B 389 79.11 -20.88 28.05
N LEU B 390 78.99 -20.28 26.87
CA LEU B 390 77.81 -19.50 26.52
C LEU B 390 76.57 -20.36 26.62
N ALA B 391 76.65 -21.58 26.09
CA ALA B 391 75.55 -22.54 26.10
C ALA B 391 75.08 -22.85 27.52
N VAL B 392 76.01 -23.25 28.39
CA VAL B 392 75.67 -23.58 29.77
C VAL B 392 74.93 -22.43 30.47
N GLN B 393 75.34 -21.20 30.20
CA GLN B 393 74.68 -20.02 30.77
C GLN B 393 73.31 -19.78 30.14
N ALA B 394 73.21 -20.05 28.85
CA ALA B 394 71.95 -19.91 28.11
C ALA B 394 70.92 -20.92 28.60
N ILE B 395 71.37 -22.11 28.98
CA ILE B 395 70.51 -23.12 29.56
C ILE B 395 69.99 -22.64 30.92
N ARG B 396 70.90 -22.07 31.72
CA ARG B 396 70.57 -21.56 33.04
C ARG B 396 69.50 -20.47 32.98
N LYS B 397 69.53 -19.66 31.92
CA LYS B 397 68.62 -18.53 31.78
C LYS B 397 67.34 -18.89 31.01
N TYR B 398 67.44 -19.78 30.03
CA TYR B 398 66.32 -20.04 29.12
C TYR B 398 65.68 -21.43 29.20
N GLY B 399 66.40 -22.39 29.77
CA GLY B 399 65.89 -23.74 29.94
C GLY B 399 65.90 -24.57 28.67
N ARG B 400 64.72 -24.77 28.09
CA ARG B 400 64.58 -25.62 26.89
C ARG B 400 64.28 -24.84 25.61
N ASP B 401 64.23 -23.52 25.70
CA ASP B 401 64.03 -22.68 24.53
C ASP B 401 65.28 -22.74 23.64
N PHE B 402 65.34 -23.76 22.80
CA PHE B 402 66.50 -24.01 21.95
C PHE B 402 66.72 -22.91 20.93
N GLN B 403 65.65 -22.21 20.57
CA GLN B 403 65.73 -21.09 19.63
C GLN B 403 66.45 -19.91 20.28
N ALA B 404 66.14 -19.66 21.55
CA ALA B 404 66.79 -18.60 22.32
C ALA B 404 68.28 -18.90 22.50
N ILE B 405 68.58 -20.13 22.92
CA ILE B 405 69.96 -20.58 23.12
C ILE B 405 70.79 -20.48 21.84
N SER B 406 70.21 -20.93 20.73
CA SER B 406 70.84 -20.84 19.41
C SER B 406 71.17 -19.39 19.03
N ASP B 407 70.26 -18.47 19.36
CA ASP B 407 70.45 -17.05 19.04
C ASP B 407 71.55 -16.41 19.89
N VAL B 408 71.63 -16.84 21.16
CA VAL B 408 72.66 -16.34 22.09
C VAL B 408 74.06 -16.73 21.63
N ILE B 409 74.26 -18.01 21.32
CA ILE B 409 75.54 -18.51 20.83
C ILE B 409 75.87 -17.88 19.48
N GLY B 410 74.90 -17.89 18.56
CA GLY B 410 75.03 -17.15 17.31
C GLY B 410 75.36 -17.98 16.08
N ASN B 411 76.25 -18.96 16.24
CA ASN B 411 76.67 -19.80 15.11
C ASN B 411 76.38 -21.30 15.30
N LYS B 412 75.35 -21.59 16.09
CA LYS B 412 74.89 -22.98 16.26
C LYS B 412 73.42 -23.09 15.91
N SER B 413 73.10 -24.09 15.07
CA SER B 413 71.73 -24.35 14.67
C SER B 413 70.92 -24.99 15.79
N VAL B 414 69.60 -24.85 15.71
CA VAL B 414 68.67 -25.34 16.74
C VAL B 414 68.86 -26.83 17.05
N VAL B 415 69.21 -27.61 16.04
CA VAL B 415 69.44 -29.05 16.20
C VAL B 415 70.76 -29.33 16.93
N GLN B 416 71.81 -28.58 16.58
CA GLN B 416 73.11 -28.69 17.24
C GLN B 416 72.98 -28.39 18.73
N VAL B 417 72.11 -27.44 19.06
CA VAL B 417 71.79 -27.10 20.45
C VAL B 417 71.18 -28.30 21.17
N LYS B 418 70.23 -28.98 20.51
CA LYS B 418 69.60 -30.17 21.06
C LYS B 418 70.59 -31.32 21.22
N ASN B 419 71.52 -31.43 20.28
CA ASN B 419 72.59 -32.42 20.34
C ASN B 419 73.51 -32.17 21.54
N PHE B 420 73.87 -30.91 21.74
CA PHE B 420 74.68 -30.46 22.88
C PHE B 420 74.11 -30.98 24.20
N PHE B 421 72.79 -30.89 24.35
CA PHE B 421 72.08 -31.36 25.54
C PHE B 421 72.35 -32.82 25.87
N VAL B 422 72.58 -33.63 24.83
CA VAL B 422 72.79 -35.07 25.00
C VAL B 422 74.28 -35.39 25.12
N ASN B 423 75.10 -34.71 24.31
CA ASN B 423 76.54 -34.95 24.25
C ASN B 423 77.28 -34.59 25.54
N TYR B 424 77.05 -33.36 26.01
CA TYR B 424 77.75 -32.84 27.18
C TYR B 424 76.88 -32.93 28.44
N ARG B 425 75.91 -33.84 28.39
CA ARG B 425 74.91 -34.01 29.43
C ARG B 425 75.51 -34.18 30.84
N ARG B 426 76.40 -35.14 30.99
CA ARG B 426 77.01 -35.43 32.29
C ARG B 426 78.13 -34.46 32.64
N ARG B 427 78.89 -34.04 31.63
CA ARG B 427 80.05 -33.18 31.82
C ARG B 427 79.70 -31.74 32.21
N PHE B 428 78.49 -31.30 31.85
CA PHE B 428 78.02 -29.98 32.25
C PHE B 428 76.78 -30.05 33.14
N ASN B 429 76.63 -31.15 33.89
CA ASN B 429 75.49 -31.38 34.78
C ASN B 429 74.20 -30.69 34.34
N ILE B 430 73.84 -30.87 33.07
CA ILE B 430 72.70 -30.16 32.48
C ILE B 430 71.38 -30.45 33.20
N ASP B 431 71.29 -31.63 33.83
CA ASP B 431 70.16 -31.97 34.69
C ASP B 431 70.02 -30.98 35.85
N GLU B 432 71.13 -30.71 36.53
CA GLU B 432 71.17 -29.74 37.63
C GLU B 432 70.87 -28.33 37.15
N VAL B 433 71.45 -27.96 36.01
CA VAL B 433 71.28 -26.63 35.43
C VAL B 433 69.81 -26.37 35.08
N LEU B 434 69.16 -27.38 34.48
CA LEU B 434 67.77 -27.27 34.09
C LEU B 434 66.80 -27.19 35.28
N GLN B 435 67.10 -27.95 36.33
CA GLN B 435 66.22 -27.97 37.51
C GLN B 435 66.28 -26.68 38.32
N GLU B 436 67.35 -25.90 38.14
CA GLU B 436 67.48 -24.60 38.78
C GLU B 436 66.78 -23.50 37.98
N TRP B 437 66.62 -23.72 36.67
CA TRP B 437 65.84 -22.82 35.82
C TRP B 437 64.38 -22.90 36.16
N GLU B 438 63.92 -24.12 36.46
CA GLU B 438 62.53 -24.38 36.84
C GLU B 438 62.24 -23.82 38.24
N ALA B 439 63.27 -23.67 39.05
CA ALA B 439 63.16 -23.13 40.41
C ALA B 439 62.87 -21.62 40.43
N GLU B 440 62.84 -21.00 39.25
CA GLU B 440 62.49 -19.59 39.12
C GLU B 440 61.14 -19.39 38.44
P D51 C . -26.77 5.56 -7.33
N1 D51 C . -17.97 6.39 -10.32
C2 D51 C . -17.47 6.06 -11.55
O2 D51 C . -17.87 5.03 -12.13
N3 D51 C . -16.52 6.82 -12.11
C4 D51 C . -16.06 7.93 -11.53
O4 D51 C . -15.18 8.56 -12.15
N5 D51 C . -16.06 9.54 -9.59
C6 D51 C . -16.77 11.41 -8.28
C7 D51 C . -17.63 11.99 -7.36
C8 D51 C . -18.73 11.18 -6.77
C9 D51 C . -18.87 9.85 -7.14
PA D51 C . -27.40 8.30 -6.81
C1' D51 C . -19.24 7.07 -7.88
C10 D51 C . -17.56 7.52 -9.68
N10 D51 C . -18.14 7.88 -8.45
N1A D51 C . -36.59 11.36 -2.13
O1A D51 C . -26.87 8.58 -8.19
C1B D51 C . -32.20 10.87 -4.87
O1P D51 C . -26.52 4.38 -6.42
C2' D51 C . -20.59 7.13 -8.64
O2' D51 C . -20.89 8.48 -9.03
C2A D51 C . -36.40 11.16 -3.46
O2A D51 C . -27.08 9.24 -5.66
C2B D51 C . -30.91 11.60 -5.18
O2B D51 C . -31.16 12.95 -5.59
O2P D51 C . -27.88 5.51 -8.34
C3' D51 C . -21.74 6.57 -7.80
O3' D51 C . -21.35 5.29 -7.31
N3A D51 C . -35.19 11.05 -4.01
C3B D51 C . -30.31 10.76 -6.28
O3B D51 C . -30.75 11.24 -7.56
O3P D51 C . -26.96 6.82 -6.34
C4' D51 C . -23.08 6.42 -8.53
O4' D51 C . -23.30 7.45 -9.49
C4A D51 C . -34.06 11.16 -3.26
C4B D51 C . -30.90 9.38 -6.10
O4B D51 C . -31.86 9.49 -5.04
C4X D51 C . -16.22 8.11 -10.05
C5' D51 C . -24.22 6.37 -7.52
O5' D51 C . -25.42 5.89 -8.16
C5A D51 C . -34.18 11.40 -1.81
C5B D51 C . -29.84 8.34 -5.76
O5B D51 C . -29.00 8.14 -6.90
C5X D51 C . -16.91 10.07 -8.67
C6A D51 C . -35.56 11.49 -1.27
N6A D51 C . -35.79 11.71 0.04
N7A D51 C . -32.92 11.46 -1.32
C7M D51 C . -17.43 13.44 -7.00
C8A D51 C . -32.08 11.28 -2.37
C8M D51 C . -19.68 11.78 -5.76
C9A D51 C . -18.01 9.25 -8.07
N9A D51 C . -32.75 11.10 -3.52
NAA D51 C . -14.15 10.24 -8.12
CAB D51 C . -13.62 4.41 -6.77
CAD D51 C . -14.29 4.06 -7.94
CAE D51 C . -13.42 5.77 -6.46
CAH D51 C . -14.77 5.06 -8.80
CAI D51 C . -13.90 6.76 -7.31
CAL D51 C . -14.00 8.45 -9.60
CAM D51 C . -15.06 7.39 -9.34
CAN D51 C . -14.07 10.79 -10.43
CAO D51 C . -14.63 9.81 -9.39
CAP D51 C . -14.58 6.41 -8.48
#